data_5TV4
#
_entry.id   5TV4
#
_cell.length_a   1.0
_cell.length_b   1.0
_cell.length_c   1.0
_cell.angle_alpha   90.0
_cell.angle_beta   90.0
_cell.angle_gamma   90.0
#
_symmetry.space_group_name_H-M   'P 1'
#
loop_
_entity.id
_entity.type
_entity.pdbx_description
1 polymer 'Lipid A export ATP-binding/permease protein MsbA'
2 branched 'L-glycero-alpha-D-manno-heptopyranose-(1-7)-L-glycero-alpha-D-manno-heptopyranose-(1-3)-L-glycero-alpha-D-manno-heptopyranose-(1-5)-[3-deoxy-alpha-D-manno-oct-2-ulopyranosonic acid-(2-4)]3-deoxy-alpha-D-manno-oct-2-ulopyranosonic acid-(2-6)-2-amino-2-deoxy-alpha-D-glucopyranose-(1-6)-2-amino-2-deoxy-alpha-D-glucopyranose'
3 non-polymer 'PHOSPHATE ION'
4 non-polymer '3-HYDROXY-TETRADECANOIC ACID'
5 non-polymer 'MYRISTIC ACID'
6 non-polymer 'LAURIC ACID'
#
_entity_poly.entity_id   1
_entity_poly.type   'polypeptide(L)'
_entity_poly.pdbx_seq_one_letter_code
;MGHHHHHHHHHHSSGHIDDDDKHMHNDKDLSTWQTFRRLWPTIAPFKAGLIVAGVALILNAASDTFMLSLLKPLLDDGFG
KTDRSVLVWMPLVVIGLMILRGITSYVSSYCISWVSGKVVMTMRRRLFGHMMGMPVSFFDKQSTGTLLSRITYDSEQVAS
SSSGALITVVREGASIIGLFIMMFYYSWQLSIILIVLAPIVSIAIRVVSKRFRNISKNMQNTMGQVTTSAEQMLKGHKEV
LIFGGQEVETKRFDKVSNRMRLQGMKMVSASSISDPIIQLIASLALAFVLYAASFPSVMDSLTAGTITVVFSSMIALMRP
LKSLTNVNAQFQRGMAACQTLFTILDSEQEKDEGKRVIERATGDVEFRNVTFTYPGRDVPALRNINLKIPAGKTVALVGR
SGSGKSTIASLITRFYDIDEGEILMDGHDLREYTLASLRNQVALVSQNVHLFNDTVANNIAYARTEQYSREQIEEAARMA
YAMDFINKMDNGLDTVIGENGVLLSGGQRQRIAIARALLRDSPILILDEATSALDTESERAIQAALDELQKNRTSLVIAH
RLSTIEKADEIVVVEDGVIVERGTHNDLLEHRGVYAQLHKMQFGQ
;
_entity_poly.pdbx_strand_id   A,B
#
loop_
_chem_comp.id
_chem_comp.type
_chem_comp.name
_chem_comp.formula
DAO non-polymer 'LAURIC ACID' 'C12 H24 O2'
FTT non-polymer '3-HYDROXY-TETRADECANOIC ACID' 'C14 H28 O3'
GMH D-saccharide, alpha linking L-glycero-alpha-D-manno-heptopyranose 'C7 H14 O7'
KDO D-saccharide, alpha linking '3-deoxy-alpha-D-manno-oct-2-ulopyranosonic acid' 'C8 H14 O8'
MYR non-polymer 'MYRISTIC ACID' 'C14 H28 O2'
PA1 D-saccharide, alpha linking 2-amino-2-deoxy-alpha-D-glucopyranose 'C6 H13 N O5'
PO4 non-polymer 'PHOSPHATE ION' 'O4 P -3'
#
# COMPACT_ATOMS: atom_id res chain seq x y z
N GLN A 34 -23.03 15.25 8.46
CA GLN A 34 -24.19 16.07 8.12
C GLN A 34 -24.38 16.00 6.62
N THR A 35 -23.30 15.62 5.94
CA THR A 35 -23.28 15.58 4.48
C THR A 35 -24.34 14.66 3.92
N PHE A 36 -24.88 13.75 4.74
CA PHE A 36 -25.71 12.67 4.23
C PHE A 36 -26.76 13.15 3.24
N ARG A 37 -27.29 14.36 3.42
CA ARG A 37 -28.16 14.96 2.44
C ARG A 37 -27.47 15.96 1.52
N ARG A 38 -26.16 16.17 1.67
CA ARG A 38 -25.42 16.64 0.50
C ARG A 38 -25.32 15.51 -0.51
N LEU A 39 -24.89 14.34 -0.04
CA LEU A 39 -24.56 13.23 -0.93
C LEU A 39 -25.80 12.51 -1.43
N TRP A 40 -26.73 12.16 -0.53
CA TRP A 40 -27.88 11.37 -0.96
C TRP A 40 -28.64 11.96 -2.15
N PRO A 41 -28.90 13.27 -2.22
CA PRO A 41 -29.61 13.79 -3.39
C PRO A 41 -28.87 13.54 -4.68
N THR A 42 -27.58 13.20 -4.63
CA THR A 42 -26.94 12.62 -5.81
C THR A 42 -27.27 11.14 -5.95
N ILE A 43 -27.77 10.51 -4.88
CA ILE A 43 -28.12 9.09 -4.89
C ILE A 43 -29.58 8.85 -5.22
N ALA A 44 -30.39 9.92 -5.29
CA ALA A 44 -31.83 9.77 -5.40
C ALA A 44 -32.28 8.90 -6.57
N PRO A 45 -31.91 9.18 -7.82
CA PRO A 45 -32.72 8.71 -8.95
C PRO A 45 -32.84 7.20 -9.12
N PHE A 46 -31.81 6.43 -8.79
CA PHE A 46 -31.78 5.00 -9.08
C PHE A 46 -32.21 4.11 -7.92
N LYS A 47 -32.68 4.68 -6.83
CA LYS A 47 -32.92 3.96 -5.59
C LYS A 47 -33.95 2.84 -5.68
N ALA A 48 -34.75 2.74 -6.73
CA ALA A 48 -35.86 1.79 -6.75
C ALA A 48 -35.39 0.36 -6.48
N GLY A 49 -34.23 -0.01 -7.05
CA GLY A 49 -33.61 -1.27 -6.68
C GLY A 49 -33.40 -1.37 -5.18
N LEU A 50 -32.98 -0.27 -4.55
CA LEU A 50 -32.92 -0.24 -3.10
C LEU A 50 -34.29 -0.55 -2.50
N ILE A 51 -35.36 -0.16 -3.20
CA ILE A 51 -36.69 -0.38 -2.65
C ILE A 51 -37.01 -1.88 -2.60
N VAL A 52 -36.93 -2.55 -3.75
CA VAL A 52 -37.17 -3.99 -3.71
C VAL A 52 -36.25 -4.64 -2.68
N ALA A 53 -35.02 -4.13 -2.58
CA ALA A 53 -34.13 -4.55 -1.52
C ALA A 53 -34.81 -4.47 -0.16
N GLY A 54 -35.20 -3.26 0.24
CA GLY A 54 -35.73 -3.06 1.57
C GLY A 54 -36.89 -3.97 1.87
N VAL A 55 -37.81 -4.12 0.93
CA VAL A 55 -38.98 -4.93 1.24
C VAL A 55 -38.57 -6.38 1.42
N ALA A 56 -37.64 -6.85 0.60
CA ALA A 56 -37.06 -8.17 0.82
C ALA A 56 -36.51 -8.27 2.24
N LEU A 57 -35.82 -7.23 2.69
CA LEU A 57 -35.25 -7.17 4.03
C LEU A 57 -36.30 -7.38 5.11
N ILE A 58 -37.24 -6.44 5.20
CA ILE A 58 -38.28 -6.53 6.22
C ILE A 58 -38.88 -7.92 6.24
N LEU A 59 -39.25 -8.43 5.06
CA LEU A 59 -39.91 -9.73 5.08
C LEU A 59 -38.92 -10.85 5.42
N ASN A 60 -37.62 -10.59 5.28
CA ASN A 60 -36.61 -11.52 5.75
C ASN A 60 -36.70 -11.67 7.26
N ALA A 61 -36.63 -10.54 7.97
CA ALA A 61 -36.82 -10.59 9.41
C ALA A 61 -38.08 -11.35 9.76
N ALA A 62 -39.20 -10.95 9.15
CA ALA A 62 -40.46 -11.60 9.45
C ALA A 62 -40.35 -13.12 9.28
N SER A 63 -39.60 -13.56 8.27
CA SER A 63 -39.42 -15.00 8.07
C SER A 63 -38.74 -15.64 9.28
N ASP A 64 -37.64 -15.03 9.73
CA ASP A 64 -36.94 -15.53 10.90
C ASP A 64 -37.90 -15.69 12.08
N THR A 65 -38.63 -14.61 12.39
CA THR A 65 -39.60 -14.68 13.47
C THR A 65 -40.60 -15.80 13.27
N PHE A 66 -41.19 -15.89 12.07
CA PHE A 66 -42.23 -16.88 11.83
C PHE A 66 -41.74 -18.28 12.18
N MET A 67 -40.59 -18.68 11.66
CA MET A 67 -40.14 -20.04 11.97
C MET A 67 -39.94 -20.22 13.47
N LEU A 68 -39.37 -19.20 14.13
CA LEU A 68 -39.32 -19.28 15.58
C LEU A 68 -40.68 -19.59 16.18
N SER A 69 -41.74 -18.96 15.67
CA SER A 69 -43.08 -19.32 16.14
C SER A 69 -43.40 -20.77 15.81
N LEU A 70 -42.97 -21.24 14.63
CA LEU A 70 -43.18 -22.63 14.26
C LEU A 70 -42.62 -23.60 15.26
N LEU A 71 -41.72 -23.17 16.12
CA LEU A 71 -41.25 -24.06 17.18
C LEU A 71 -42.40 -24.78 17.89
N LYS A 72 -43.22 -24.04 18.63
CA LYS A 72 -44.08 -24.60 19.67
C LYS A 72 -45.12 -25.63 19.24
N PRO A 73 -45.83 -25.47 18.11
CA PRO A 73 -46.96 -26.38 17.85
C PRO A 73 -46.52 -27.82 17.81
N LEU A 74 -45.27 -28.06 17.45
CA LEU A 74 -44.65 -29.33 17.72
C LEU A 74 -45.03 -29.83 19.10
N LEU A 75 -44.59 -29.10 20.13
CA LEU A 75 -44.69 -29.63 21.48
C LEU A 75 -46.10 -29.52 22.04
N ASP A 76 -46.72 -28.33 21.97
CA ASP A 76 -47.95 -28.11 22.74
C ASP A 76 -49.22 -28.53 22.04
N ASP A 77 -49.21 -28.75 20.72
CA ASP A 77 -50.41 -29.23 20.06
C ASP A 77 -50.07 -30.46 19.22
N GLY A 78 -49.14 -30.33 18.28
CA GLY A 78 -48.70 -31.49 17.52
C GLY A 78 -48.29 -32.67 18.39
N PHE A 79 -47.86 -32.42 19.63
CA PHE A 79 -47.50 -33.48 20.55
C PHE A 79 -48.49 -33.64 21.68
N GLY A 80 -48.74 -32.58 22.46
CA GLY A 80 -49.74 -32.67 23.53
C GLY A 80 -51.02 -33.33 23.06
N LYS A 81 -51.45 -33.04 21.84
CA LYS A 81 -52.47 -33.84 21.17
C LYS A 81 -51.90 -35.10 20.53
N THR A 82 -50.63 -35.05 20.08
CA THR A 82 -49.95 -36.15 19.40
C THR A 82 -50.74 -36.59 18.17
N ASP A 83 -50.67 -35.75 17.14
CA ASP A 83 -51.36 -36.02 15.88
C ASP A 83 -50.40 -35.91 14.69
N ARG A 84 -50.38 -36.94 13.86
CA ARG A 84 -49.52 -36.96 12.69
C ARG A 84 -49.82 -35.80 11.75
N SER A 85 -50.88 -35.05 12.07
CA SER A 85 -51.28 -33.92 11.25
C SER A 85 -50.36 -32.72 11.49
N VAL A 86 -50.51 -32.08 12.63
CA VAL A 86 -49.69 -30.92 12.97
C VAL A 86 -48.21 -31.22 12.80
N LEU A 87 -47.81 -32.43 13.19
CA LEU A 87 -46.41 -32.85 13.08
C LEU A 87 -46.11 -33.37 11.68
N VAL A 88 -47.01 -33.12 10.74
CA VAL A 88 -46.84 -33.57 9.36
C VAL A 88 -47.24 -32.48 8.38
N TRP A 89 -47.44 -31.27 8.88
CA TRP A 89 -47.80 -30.16 8.02
C TRP A 89 -46.79 -29.05 8.15
N MET A 90 -46.11 -29.00 9.28
CA MET A 90 -45.12 -27.97 9.53
C MET A 90 -43.80 -28.11 8.76
N PRO A 91 -43.26 -29.30 8.54
CA PRO A 91 -41.99 -29.38 7.78
C PRO A 91 -42.02 -28.64 6.46
N LEU A 92 -43.08 -28.81 5.70
CA LEU A 92 -43.13 -28.16 4.39
C LEU A 92 -43.25 -26.66 4.54
N VAL A 93 -43.98 -26.19 5.55
CA VAL A 93 -44.12 -24.75 5.67
C VAL A 93 -42.78 -24.13 6.05
N VAL A 94 -41.99 -24.79 6.90
CA VAL A 94 -40.72 -24.16 7.24
C VAL A 94 -39.79 -24.17 6.04
N ILE A 95 -39.76 -25.28 5.27
CA ILE A 95 -38.85 -25.29 4.13
C ILE A 95 -39.26 -24.25 3.12
N GLY A 96 -40.56 -24.05 2.94
CA GLY A 96 -40.98 -22.96 2.07
C GLY A 96 -40.58 -21.61 2.63
N LEU A 97 -40.67 -21.47 3.94
CA LEU A 97 -40.33 -20.20 4.55
C LEU A 97 -38.87 -19.88 4.29
N MET A 98 -38.01 -20.87 4.41
CA MET A 98 -36.61 -20.62 4.18
C MET A 98 -36.48 -19.79 2.93
N ILE A 99 -37.05 -20.30 1.84
CA ILE A 99 -37.00 -19.63 0.55
C ILE A 99 -37.25 -18.13 0.67
N LEU A 100 -38.35 -17.75 1.31
CA LEU A 100 -38.64 -16.33 1.44
C LEU A 100 -37.39 -15.57 1.88
N ARG A 101 -36.68 -16.13 2.85
CA ARG A 101 -35.47 -15.50 3.35
C ARG A 101 -34.30 -15.69 2.38
N GLY A 102 -34.30 -16.85 1.71
CA GLY A 102 -33.27 -17.17 0.75
C GLY A 102 -33.23 -16.18 -0.39
N ILE A 103 -34.14 -16.36 -1.35
CA ILE A 103 -34.23 -15.49 -2.51
C ILE A 103 -34.11 -14.05 -2.09
N THR A 104 -34.87 -13.69 -1.05
CA THR A 104 -34.87 -12.35 -0.50
C THR A 104 -33.43 -11.90 -0.35
N SER A 105 -32.76 -12.61 0.55
CA SER A 105 -31.36 -12.38 0.88
C SER A 105 -30.54 -12.10 -0.38
N TYR A 106 -30.78 -12.90 -1.42
CA TYR A 106 -30.07 -12.74 -2.68
C TYR A 106 -30.32 -11.37 -3.28
N VAL A 107 -31.59 -10.97 -3.32
CA VAL A 107 -31.97 -9.67 -3.87
C VAL A 107 -31.24 -8.54 -3.16
N SER A 108 -31.07 -8.68 -1.84
CA SER A 108 -30.40 -7.67 -1.05
C SER A 108 -28.92 -7.58 -1.42
N SER A 109 -28.28 -8.74 -1.52
CA SER A 109 -26.86 -8.80 -1.86
C SER A 109 -26.62 -8.26 -3.27
N TYR A 110 -27.48 -8.64 -4.20
CA TYR A 110 -27.38 -8.19 -5.58
C TYR A 110 -27.81 -6.73 -5.72
N CYS A 111 -28.83 -6.36 -4.96
CA CYS A 111 -29.34 -4.99 -4.99
C CYS A 111 -28.28 -3.99 -4.55
N ILE A 112 -27.63 -4.29 -3.43
CA ILE A 112 -26.59 -3.43 -2.90
C ILE A 112 -25.41 -3.39 -3.86
N SER A 113 -25.01 -4.56 -4.37
CA SER A 113 -23.87 -4.59 -5.28
C SER A 113 -24.11 -3.61 -6.43
N TRP A 114 -25.31 -3.65 -7.00
CA TRP A 114 -25.68 -2.76 -8.09
C TRP A 114 -25.62 -1.30 -7.67
N VAL A 115 -26.16 -1.01 -6.49
CA VAL A 115 -26.15 0.37 -6.00
C VAL A 115 -24.73 0.87 -5.82
N SER A 116 -23.83 -0.03 -5.41
CA SER A 116 -22.44 0.32 -5.21
C SER A 116 -21.78 0.60 -6.55
N GLY A 117 -22.04 -0.28 -7.53
CA GLY A 117 -21.47 -0.11 -8.85
C GLY A 117 -22.10 1.08 -9.56
N LYS A 118 -23.14 1.63 -8.94
CA LYS A 118 -23.84 2.79 -9.49
C LYS A 118 -23.62 4.01 -8.61
N VAL A 119 -23.92 3.87 -7.32
CA VAL A 119 -23.74 4.96 -6.37
C VAL A 119 -22.30 5.41 -6.39
N VAL A 120 -21.39 4.53 -5.96
CA VAL A 120 -20.00 4.84 -6.13
C VAL A 120 -19.72 5.23 -7.56
N MET A 121 -20.04 4.38 -8.54
CA MET A 121 -19.64 4.64 -9.92
C MET A 121 -19.91 6.07 -10.33
N THR A 122 -21.14 6.54 -10.06
CA THR A 122 -21.45 7.94 -10.29
C THR A 122 -20.48 8.85 -9.57
N MET A 123 -20.39 8.69 -8.25
CA MET A 123 -19.48 9.56 -7.51
C MET A 123 -18.07 9.45 -8.07
N ARG A 124 -17.69 8.28 -8.55
CA ARG A 124 -16.40 8.07 -9.19
C ARG A 124 -16.26 9.01 -10.38
N ARG A 125 -17.08 8.82 -11.41
CA ARG A 125 -16.97 9.62 -12.63
C ARG A 125 -16.89 11.11 -12.30
N ARG A 126 -17.73 11.55 -11.36
CA ARG A 126 -17.62 12.90 -10.83
C ARG A 126 -16.21 13.18 -10.32
N LEU A 127 -15.63 12.23 -9.59
CA LEU A 127 -14.28 12.39 -9.10
C LEU A 127 -13.28 12.51 -10.22
N PHE A 128 -13.46 11.77 -11.31
CA PHE A 128 -12.42 11.73 -12.33
C PHE A 128 -12.44 13.01 -13.13
N GLY A 129 -13.63 13.48 -13.52
CA GLY A 129 -13.71 14.81 -14.09
C GLY A 129 -13.07 15.84 -13.19
N HIS A 130 -13.46 15.83 -11.91
CA HIS A 130 -12.88 16.75 -10.93
C HIS A 130 -11.35 16.67 -10.92
N MET A 131 -10.83 15.44 -10.88
CA MET A 131 -9.40 15.26 -10.61
C MET A 131 -8.55 15.53 -11.84
N MET A 132 -9.00 15.14 -13.02
CA MET A 132 -8.32 15.63 -14.21
C MET A 132 -8.39 17.13 -14.29
N GLY A 133 -9.45 17.72 -13.71
CA GLY A 133 -9.52 19.17 -13.61
C GLY A 133 -8.50 19.78 -12.68
N MET A 134 -7.76 18.96 -11.93
CA MET A 134 -6.79 19.48 -10.99
C MET A 134 -5.46 19.77 -11.68
N PRO A 135 -5.04 21.02 -11.77
CA PRO A 135 -3.72 21.31 -12.32
C PRO A 135 -2.62 20.77 -11.43
N VAL A 136 -1.40 20.77 -12.00
CA VAL A 136 -0.29 19.99 -11.49
C VAL A 136 -0.06 20.17 -10.00
N SER A 137 -0.45 21.31 -9.43
CA SER A 137 -0.29 21.52 -7.99
C SER A 137 -0.96 20.41 -7.19
N PHE A 138 -2.23 20.15 -7.50
CA PHE A 138 -2.97 19.14 -6.75
C PHE A 138 -2.28 17.79 -6.82
N PHE A 139 -1.44 17.58 -7.81
CA PHE A 139 -0.56 16.43 -7.86
C PHE A 139 0.85 16.78 -7.40
N ASP A 140 1.07 18.02 -6.97
CA ASP A 140 2.32 18.39 -6.29
C ASP A 140 2.19 18.09 -4.81
N LYS A 141 0.97 17.92 -4.34
CA LYS A 141 0.74 17.44 -2.99
C LYS A 141 0.49 15.94 -2.93
N GLN A 142 0.59 15.23 -4.04
CA GLN A 142 -0.13 13.98 -4.24
C GLN A 142 0.77 12.94 -4.91
N SER A 143 0.19 11.76 -5.15
CA SER A 143 0.81 10.63 -5.84
C SER A 143 -0.30 9.80 -6.49
N THR A 144 0.10 8.92 -7.41
CA THR A 144 -0.89 8.07 -8.07
C THR A 144 -1.45 6.99 -7.15
N GLY A 145 -0.63 6.43 -6.26
CA GLY A 145 -1.10 5.35 -5.40
C GLY A 145 -2.02 5.86 -4.31
N THR A 146 -1.75 7.06 -3.82
CA THR A 146 -2.57 7.67 -2.77
C THR A 146 -3.91 8.09 -3.35
N LEU A 147 -3.87 8.91 -4.38
CA LEU A 147 -5.09 9.38 -5.03
C LEU A 147 -5.74 8.26 -5.83
N LEU A 148 -4.92 7.47 -6.50
CA LEU A 148 -5.41 6.35 -7.30
C LEU A 148 -6.07 5.33 -6.38
N SER A 149 -5.32 4.84 -5.40
CA SER A 149 -5.84 3.86 -4.46
C SER A 149 -7.01 4.46 -3.69
N ARG A 150 -7.04 5.80 -3.65
CA ARG A 150 -8.10 6.51 -2.95
C ARG A 150 -9.42 6.38 -3.71
N ILE A 151 -9.39 6.72 -5.00
CA ILE A 151 -10.59 6.63 -5.83
C ILE A 151 -11.26 5.28 -5.61
N THR A 152 -10.48 4.22 -5.68
CA THR A 152 -10.99 2.87 -5.48
C THR A 152 -11.43 2.63 -4.05
N TYR A 153 -10.54 2.91 -3.11
CA TYR A 153 -10.84 2.72 -1.69
C TYR A 153 -11.85 3.75 -1.20
N ASP A 154 -11.59 5.02 -1.51
CA ASP A 154 -12.47 6.10 -1.10
C ASP A 154 -13.93 5.76 -1.37
N SER A 155 -14.32 5.77 -2.63
CA SER A 155 -15.68 5.45 -3.03
C SER A 155 -16.00 3.96 -2.80
N GLU A 156 -14.94 3.15 -2.78
CA GLU A 156 -15.11 1.71 -2.57
C GLU A 156 -15.33 1.38 -1.10
N GLN A 157 -15.50 2.43 -0.29
CA GLN A 157 -15.71 2.25 1.14
C GLN A 157 -17.01 2.92 1.59
N VAL A 158 -17.11 4.22 1.36
CA VAL A 158 -18.30 4.98 1.74
C VAL A 158 -19.57 4.25 1.34
N ALA A 159 -19.50 3.48 0.25
CA ALA A 159 -20.65 2.73 -0.24
C ALA A 159 -20.91 1.50 0.64
N SER A 160 -19.83 0.84 1.05
CA SER A 160 -19.94 -0.34 1.89
C SER A 160 -20.63 -0.03 3.21
N SER A 161 -19.94 0.71 4.10
CA SER A 161 -20.44 0.88 5.45
C SER A 161 -21.75 1.62 5.48
N SER A 162 -21.98 2.54 4.54
CA SER A 162 -23.30 3.14 4.46
C SER A 162 -24.37 2.09 4.23
N SER A 163 -24.14 1.20 3.28
CA SER A 163 -25.13 0.22 2.87
C SER A 163 -25.31 -0.84 3.94
N GLY A 164 -24.28 -1.64 4.15
CA GLY A 164 -24.32 -2.63 5.21
C GLY A 164 -24.85 -2.04 6.50
N ALA A 165 -24.48 -0.79 6.78
CA ALA A 165 -25.15 -0.06 7.85
C ALA A 165 -26.65 -0.14 7.67
N LEU A 166 -27.16 0.23 6.50
CA LEU A 166 -28.62 0.23 6.32
C LEU A 166 -29.21 -1.16 6.53
N ILE A 167 -28.73 -2.13 5.76
CA ILE A 167 -29.36 -3.46 5.81
C ILE A 167 -29.34 -3.98 7.23
N THR A 168 -28.32 -3.66 7.99
CA THR A 168 -28.31 -4.08 9.39
C THR A 168 -29.30 -3.29 10.23
N VAL A 169 -29.26 -1.96 10.18
CA VAL A 169 -30.08 -1.19 11.11
C VAL A 169 -31.55 -1.52 10.92
N VAL A 170 -32.02 -1.46 9.68
CA VAL A 170 -33.44 -1.72 9.51
C VAL A 170 -33.73 -3.22 9.50
N ARG A 171 -32.80 -4.05 9.05
CA ARG A 171 -33.05 -5.48 9.06
C ARG A 171 -33.13 -6.07 10.48
CA GLU A 172 -32.29 -5.92 12.79
C GLU A 172 -33.33 -5.27 13.70
N GLY A 173 -33.61 -3.99 13.51
CA GLY A 173 -34.85 -3.46 14.06
C GLY A 173 -36.04 -4.27 13.60
N ALA A 174 -36.06 -4.68 12.34
CA ALA A 174 -37.16 -5.47 11.82
C ALA A 174 -37.27 -6.80 12.55
N SER A 175 -36.18 -7.56 12.61
CA SER A 175 -36.20 -8.80 13.37
C SER A 175 -36.74 -8.57 14.76
N ILE A 176 -36.28 -7.51 15.44
CA ILE A 176 -36.69 -7.37 16.84
C ILE A 176 -38.17 -7.02 16.97
N ILE A 177 -38.68 -6.17 16.09
CA ILE A 177 -40.08 -5.77 16.14
C ILE A 177 -41.00 -6.93 15.80
N GLY A 178 -40.73 -7.58 14.66
CA GLY A 178 -41.53 -8.72 14.23
C GLY A 178 -41.58 -9.81 15.26
N LEU A 179 -40.47 -10.00 15.98
CA LEU A 179 -40.38 -11.02 17.01
C LEU A 179 -41.20 -10.65 18.23
N PHE A 180 -41.26 -9.37 18.54
CA PHE A 180 -42.02 -8.95 19.71
C PHE A 180 -43.44 -9.50 19.66
N ILE A 181 -44.06 -9.45 18.50
CA ILE A 181 -45.42 -9.96 18.37
C ILE A 181 -45.54 -11.37 18.91
N MET A 182 -44.54 -12.19 18.64
CA MET A 182 -44.52 -13.58 19.10
C MET A 182 -44.40 -13.65 20.62
N MET A 183 -43.46 -12.88 21.17
CA MET A 183 -43.24 -12.85 22.61
C MET A 183 -44.39 -12.14 23.32
N PHE A 184 -44.80 -11.00 22.77
CA PHE A 184 -45.90 -10.23 23.36
C PHE A 184 -47.25 -10.87 23.07
N TYR A 185 -47.44 -11.30 21.82
CA TYR A 185 -48.67 -11.94 21.42
C TYR A 185 -49.02 -13.11 22.31
N TYR A 186 -48.03 -13.66 23.01
CA TYR A 186 -48.20 -14.78 23.91
C TYR A 186 -48.15 -14.33 25.37
N SER A 187 -46.96 -14.01 25.85
CA SER A 187 -46.79 -13.45 27.18
C SER A 187 -46.42 -11.99 27.04
N TRP A 188 -47.33 -11.11 27.46
CA TRP A 188 -47.09 -9.69 27.36
C TRP A 188 -46.10 -9.22 28.43
N GLN A 189 -46.29 -9.62 29.68
CA GLN A 189 -45.43 -9.09 30.73
C GLN A 189 -44.10 -9.82 30.78
N LEU A 190 -44.08 -11.12 30.48
CA LEU A 190 -42.80 -11.80 30.30
C LEU A 190 -41.95 -11.03 29.28
N SER A 191 -42.60 -10.58 28.22
CA SER A 191 -41.98 -9.62 27.32
C SER A 191 -41.49 -8.40 28.10
N ILE A 192 -42.42 -7.59 28.62
CA ILE A 192 -42.04 -6.26 29.12
C ILE A 192 -40.88 -6.37 30.10
N ILE A 193 -40.90 -7.37 30.97
CA ILE A 193 -39.76 -7.58 31.85
C ILE A 193 -38.54 -7.96 31.04
N LEU A 194 -38.73 -8.45 29.81
CA LEU A 194 -37.56 -8.45 28.95
C LEU A 194 -37.31 -7.11 28.24
N ILE A 195 -38.32 -6.25 28.08
CA ILE A 195 -38.09 -5.08 27.24
C ILE A 195 -37.41 -3.97 28.00
N VAL A 196 -37.71 -3.80 29.29
CA VAL A 196 -36.97 -2.80 30.06
C VAL A 196 -35.49 -3.16 30.06
N LEU A 197 -35.20 -4.45 29.86
CA LEU A 197 -33.85 -4.98 29.96
C LEU A 197 -33.02 -4.62 28.73
N ALA A 198 -33.56 -4.89 27.54
CA ALA A 198 -32.81 -4.71 26.31
C ALA A 198 -32.03 -3.41 26.23
N PRO A 199 -32.60 -2.24 26.50
CA PRO A 199 -31.77 -1.03 26.51
C PRO A 199 -30.65 -1.07 27.54
N ILE A 200 -30.78 -1.89 28.58
CA ILE A 200 -29.69 -1.99 29.55
C ILE A 200 -28.51 -2.72 28.93
N VAL A 201 -28.77 -3.86 28.31
CA VAL A 201 -27.74 -4.48 27.49
C VAL A 201 -27.15 -3.47 26.52
N SER A 202 -28.00 -2.62 25.93
CA SER A 202 -27.50 -1.68 24.94
C SER A 202 -26.51 -0.70 25.56
N ILE A 203 -26.77 -0.21 26.78
CA ILE A 203 -25.77 0.70 27.33
C ILE A 203 -24.55 -0.08 27.76
N ALA A 204 -24.70 -1.37 28.07
CA ALA A 204 -23.53 -2.19 28.37
C ALA A 204 -22.63 -2.29 27.15
N ILE A 205 -23.23 -2.41 25.98
CA ILE A 205 -22.41 -2.58 24.79
C ILE A 205 -21.90 -1.24 24.29
N ARG A 206 -22.55 -0.13 24.65
CA ARG A 206 -21.94 1.14 24.29
C ARG A 206 -20.78 1.47 25.21
N VAL A 207 -20.86 1.10 26.49
CA VAL A 207 -19.73 1.37 27.37
C VAL A 207 -18.55 0.47 26.99
N VAL A 208 -18.82 -0.80 26.68
CA VAL A 208 -17.80 -1.62 26.04
C VAL A 208 -17.24 -0.91 24.83
N SER A 209 -18.10 -0.34 24.00
CA SER A 209 -17.65 0.40 22.84
C SER A 209 -16.67 1.48 23.24
N LYS A 210 -16.92 2.19 24.34
CA LYS A 210 -16.02 3.29 24.65
C LYS A 210 -14.66 2.78 25.08
N ARG A 211 -14.61 1.67 25.84
CA ARG A 211 -13.30 1.10 26.14
C ARG A 211 -12.57 0.70 24.87
N PHE A 212 -13.27 0.01 23.95
CA PHE A 212 -12.59 -0.39 22.73
C PHE A 212 -12.06 0.84 21.98
N ARG A 213 -12.93 1.78 21.67
CA ARG A 213 -12.47 2.92 20.86
C ARG A 213 -11.34 3.65 21.57
N ASN A 214 -11.27 3.58 22.89
CA ASN A 214 -10.01 3.88 23.56
C ASN A 214 -8.87 3.08 22.93
N ILE A 215 -9.02 1.75 22.87
CA ILE A 215 -7.90 0.99 22.32
C ILE A 215 -7.67 1.38 20.87
N SER A 216 -8.63 2.06 20.26
CA SER A 216 -8.52 2.47 18.87
C SER A 216 -8.44 3.99 18.76
N LYS A 217 -7.43 4.57 19.40
CA LYS A 217 -7.24 6.02 19.37
C LYS A 217 -5.76 6.39 19.32
N ASN A 218 -4.95 5.66 20.08
CA ASN A 218 -3.52 5.90 20.13
C ASN A 218 -2.71 4.70 19.63
N MET A 219 -3.39 3.56 19.50
CA MET A 219 -2.74 2.35 19.04
C MET A 219 -2.37 2.47 17.57
N GLN A 220 -3.19 3.18 16.79
CA GLN A 220 -2.81 3.50 15.43
C GLN A 220 -1.56 4.38 15.42
N ASN A 221 -1.50 5.33 16.36
CA ASN A 221 -0.30 6.11 16.57
C ASN A 221 0.90 5.21 16.76
N THR A 222 0.76 4.21 17.64
CA THR A 222 1.83 3.26 17.85
C THR A 222 2.24 2.61 16.55
N MET A 223 1.28 1.99 15.85
CA MET A 223 1.57 1.29 14.60
C MET A 223 2.37 2.18 13.64
N GLY A 224 1.90 3.40 13.43
CA GLY A 224 2.61 4.33 12.57
C GLY A 224 4.03 4.58 13.01
N GLN A 225 4.21 4.97 14.28
CA GLN A 225 5.54 5.40 14.73
C GLN A 225 6.53 4.23 14.76
N VAL A 226 6.10 3.07 15.24
CA VAL A 226 7.02 1.95 15.36
C VAL A 226 7.31 1.36 13.99
N THR A 227 6.28 1.21 13.15
CA THR A 227 6.50 0.82 11.77
C THR A 227 7.58 1.71 11.16
N THR A 228 7.33 3.02 11.12
CA THR A 228 8.29 3.94 10.52
C THR A 228 9.70 3.74 11.07
N SER A 229 9.81 3.43 12.35
CA SER A 229 11.13 3.08 12.88
C SER A 229 11.75 1.91 12.12
N ALA A 230 11.05 0.77 12.09
CA ALA A 230 11.57 -0.38 11.38
C ALA A 230 11.85 -0.06 9.91
N GLU A 231 10.98 0.73 9.30
CA GLU A 231 11.12 1.24 7.95
C GLU A 231 12.51 1.82 7.72
N GLN A 232 12.85 2.88 8.46
CA GLN A 232 14.19 3.43 8.24
C GLN A 232 15.25 2.38 8.48
N MET A 233 15.06 1.57 9.54
CA MET A 233 16.04 0.55 9.85
C MET A 233 16.39 -0.22 8.59
N LEU A 234 15.34 -0.64 7.89
CA LEU A 234 15.51 -1.58 6.80
C LEU A 234 15.98 -0.89 5.53
N LYS A 235 15.51 0.33 5.29
CA LYS A 235 15.93 1.03 4.09
C LYS A 235 17.44 1.30 4.15
N GLY A 236 17.96 1.53 5.35
CA GLY A 236 19.31 2.01 5.43
C GLY A 236 20.39 0.97 5.64
N HIS A 237 20.14 -0.29 5.27
CA HIS A 237 21.19 -1.26 5.57
C HIS A 237 22.40 -1.05 4.69
N LYS A 238 22.36 -0.10 3.76
CA LYS A 238 23.58 0.36 3.14
C LYS A 238 24.45 1.08 4.16
N GLU A 239 23.84 1.91 4.99
CA GLU A 239 24.56 2.53 6.10
C GLU A 239 24.92 1.50 7.16
N VAL A 240 23.94 0.73 7.64
CA VAL A 240 24.23 -0.26 8.66
C VAL A 240 25.29 -1.22 8.17
N LEU A 241 25.14 -1.67 6.94
CA LEU A 241 26.11 -2.57 6.33
C LEU A 241 27.50 -1.95 6.31
N ILE A 242 27.65 -0.84 5.58
CA ILE A 242 29.00 -0.31 5.41
C ILE A 242 29.58 0.18 6.73
N PHE A 243 28.76 0.40 7.74
CA PHE A 243 29.27 0.80 9.04
C PHE A 243 29.20 -0.28 10.11
N GLY A 244 28.62 -1.43 9.81
CA GLY A 244 28.55 -2.46 10.82
C GLY A 244 27.61 -2.18 11.98
N GLY A 245 26.35 -1.95 11.69
CA GLY A 245 25.38 -1.77 12.75
C GLY A 245 24.62 -3.03 13.12
N GLN A 246 25.17 -4.20 12.76
CA GLN A 246 24.51 -5.45 13.10
C GLN A 246 24.16 -5.50 14.59
N GLU A 247 25.06 -5.03 15.43
CA GLU A 247 24.80 -5.10 16.86
C GLU A 247 24.08 -3.89 17.40
N VAL A 248 23.92 -2.83 16.61
CA VAL A 248 22.85 -1.89 16.95
C VAL A 248 21.53 -2.37 16.35
N GLU A 249 21.57 -3.20 15.31
CA GLU A 249 20.35 -3.89 14.90
C GLU A 249 19.88 -4.82 15.97
N THR A 250 20.80 -5.40 16.72
CA THR A 250 20.44 -6.33 17.77
C THR A 250 19.50 -5.66 18.75
N LYS A 251 20.04 -4.79 19.62
CA LYS A 251 19.21 -4.23 20.67
C LYS A 251 18.23 -3.21 20.12
N ARG A 252 18.60 -2.55 19.02
CA ARG A 252 17.68 -1.64 18.35
C ARG A 252 16.40 -2.33 17.94
N PHE A 253 16.50 -3.25 16.98
CA PHE A 253 15.33 -3.93 16.43
C PHE A 253 14.72 -4.90 17.42
N ASP A 254 15.46 -5.29 18.45
CA ASP A 254 14.89 -6.14 19.48
C ASP A 254 14.06 -5.37 20.49
N LYS A 255 14.43 -4.12 20.80
CA LYS A 255 13.55 -3.35 21.67
C LYS A 255 12.38 -2.79 20.89
N VAL A 256 12.61 -2.31 19.68
CA VAL A 256 11.48 -2.00 18.80
C VAL A 256 10.61 -3.23 18.61
N SER A 257 11.22 -4.41 18.63
CA SER A 257 10.46 -5.64 18.67
C SER A 257 9.61 -5.72 19.94
N ASN A 258 10.24 -5.84 21.10
CA ASN A 258 9.47 -6.11 22.31
C ASN A 258 8.31 -5.14 22.46
N ARG A 259 8.54 -3.87 22.12
CA ARG A 259 7.40 -2.98 22.05
C ARG A 259 6.48 -3.32 20.88
N MET A 260 6.99 -3.99 19.86
CA MET A 260 6.12 -4.34 18.74
C MET A 260 5.14 -5.44 19.16
N ARG A 261 5.65 -6.51 19.76
CA ARG A 261 4.75 -7.55 20.24
C ARG A 261 3.84 -7.02 21.35
N LEU A 262 4.40 -6.28 22.30
CA LEU A 262 3.59 -5.84 23.43
C LEU A 262 2.53 -4.86 22.96
N GLN A 263 2.85 -4.07 21.94
CA GLN A 263 1.80 -3.43 21.17
C GLN A 263 0.78 -4.46 20.71
N GLY A 264 1.25 -5.59 20.19
CA GLY A 264 0.35 -6.60 19.66
C GLY A 264 -0.66 -7.08 20.68
N MET A 265 -0.19 -7.52 21.85
CA MET A 265 -1.13 -7.98 22.87
C MET A 265 -1.76 -6.85 23.68
N LYS A 266 -1.32 -5.60 23.48
CA LYS A 266 -2.23 -4.50 23.78
C LYS A 266 -3.46 -4.67 22.93
N MET A 267 -3.28 -4.57 21.61
CA MET A 267 -4.41 -4.62 20.68
C MET A 267 -5.31 -5.82 20.94
N VAL A 268 -4.75 -7.02 20.93
CA VAL A 268 -5.61 -8.20 21.06
C VAL A 268 -6.09 -8.37 22.50
N SER A 269 -5.30 -7.95 23.49
CA SER A 269 -5.76 -8.00 24.86
C SER A 269 -7.06 -7.23 24.99
N ALA A 270 -6.96 -5.91 24.88
CA ALA A 270 -8.14 -5.08 25.05
C ALA A 270 -9.24 -5.51 24.10
N SER A 271 -8.91 -5.73 22.83
CA SER A 271 -9.94 -6.04 21.86
C SER A 271 -10.67 -7.32 22.21
N SER A 272 -10.00 -8.26 22.88
CA SER A 272 -10.60 -9.56 23.17
C SER A 272 -11.16 -9.68 24.58
N ILE A 273 -11.04 -8.69 25.45
CA ILE A 273 -11.78 -8.75 26.71
C ILE A 273 -13.27 -8.52 26.48
N SER A 274 -13.64 -8.00 25.31
CA SER A 274 -14.94 -7.38 25.12
C SER A 274 -16.07 -8.38 25.06
N ASP A 275 -16.01 -9.30 24.09
CA ASP A 275 -17.02 -10.32 23.93
C ASP A 275 -17.09 -11.24 25.15
N PRO A 276 -15.95 -11.40 25.82
CA PRO A 276 -15.88 -12.27 27.01
C PRO A 276 -16.74 -11.73 28.15
N ILE A 277 -17.11 -10.45 28.07
CA ILE A 277 -17.94 -9.84 29.10
C ILE A 277 -19.31 -9.46 28.56
N ILE A 278 -19.32 -8.71 27.47
CA ILE A 278 -20.57 -8.27 26.85
C ILE A 278 -21.57 -9.42 26.76
N GLN A 279 -21.13 -10.54 26.19
CA GLN A 279 -21.97 -11.71 26.04
C GLN A 279 -22.51 -12.16 27.40
N LEU A 280 -21.61 -12.49 28.32
CA LEU A 280 -22.01 -12.96 29.63
C LEU A 280 -23.17 -12.19 30.24
N ILE A 281 -23.16 -10.86 30.11
CA ILE A 281 -24.24 -10.07 30.67
C ILE A 281 -25.58 -10.63 30.20
N ALA A 282 -25.59 -11.31 29.06
CA ALA A 282 -26.87 -11.85 28.60
C ALA A 282 -27.52 -12.70 29.68
N SER A 283 -26.77 -13.67 30.19
CA SER A 283 -27.28 -14.56 31.23
C SER A 283 -28.02 -13.73 32.27
N LEU A 284 -27.38 -12.67 32.74
CA LEU A 284 -27.98 -11.78 33.72
C LEU A 284 -29.35 -11.39 33.20
N ALA A 285 -29.46 -11.37 31.88
CA ALA A 285 -30.71 -11.03 31.25
C ALA A 285 -31.53 -12.31 31.26
N LEU A 286 -30.91 -13.42 30.85
CA LEU A 286 -31.64 -14.68 30.84
C LEU A 286 -32.07 -15.06 32.24
N ALA A 287 -31.12 -15.42 33.13
CA ALA A 287 -31.53 -15.95 34.42
C ALA A 287 -32.66 -15.11 35.03
N PHE A 288 -32.53 -13.79 34.94
CA PHE A 288 -33.64 -12.90 35.29
C PHE A 288 -34.93 -13.33 34.63
N VAL A 289 -34.91 -13.62 33.33
CA VAL A 289 -36.17 -14.04 32.73
C VAL A 289 -36.55 -15.45 33.16
N LEU A 290 -35.59 -16.36 33.28
CA LEU A 290 -35.89 -17.74 33.55
C LEU A 290 -36.61 -17.92 34.88
N TYR A 291 -35.95 -17.68 36.00
CA TYR A 291 -36.69 -17.99 37.22
C TYR A 291 -37.62 -16.85 37.62
N ALA A 292 -37.04 -15.68 37.90
CA ALA A 292 -37.84 -14.54 38.29
C ALA A 292 -38.98 -14.31 37.31
N ALA A 293 -38.81 -14.70 36.05
CA ALA A 293 -39.93 -14.71 35.13
C ALA A 293 -40.63 -16.06 35.06
N SER A 294 -40.20 -17.03 35.86
CA SER A 294 -41.08 -18.15 36.13
C SER A 294 -42.01 -17.85 37.29
N PHE A 295 -41.74 -16.78 38.03
CA PHE A 295 -42.68 -16.31 39.04
C PHE A 295 -44.02 -15.92 38.42
N PRO A 296 -44.09 -15.34 37.23
CA PRO A 296 -45.40 -15.27 36.54
C PRO A 296 -45.92 -16.62 36.07
N SER A 297 -45.07 -17.64 35.90
CA SER A 297 -45.62 -18.96 35.63
C SER A 297 -45.83 -19.77 36.90
N VAL A 298 -45.36 -19.32 38.06
CA VAL A 298 -45.84 -19.93 39.30
C VAL A 298 -47.21 -19.37 39.64
N MET A 299 -47.50 -18.16 39.15
CA MET A 299 -48.79 -17.54 39.39
C MET A 299 -49.63 -17.57 38.12
N ASP A 300 -49.44 -18.63 37.33
CA ASP A 300 -50.19 -18.79 36.08
C ASP A 300 -49.66 -17.85 35.00
N SER A 301 -48.46 -18.14 34.51
CA SER A 301 -47.84 -17.31 33.47
C SER A 301 -48.30 -17.74 32.09
N LEU A 302 -47.74 -18.84 31.58
CA LEU A 302 -48.08 -19.35 30.27
C LEU A 302 -48.06 -20.87 30.25
N THR A 303 -47.82 -21.44 29.07
CA THR A 303 -47.78 -22.89 28.90
C THR A 303 -46.34 -23.35 28.64
N ALA A 304 -46.17 -24.59 28.21
CA ALA A 304 -44.82 -25.13 28.03
C ALA A 304 -44.15 -24.61 26.75
N GLY A 305 -44.65 -25.07 25.61
CA GLY A 305 -44.09 -24.66 24.34
C GLY A 305 -43.84 -23.16 24.28
N THR A 306 -44.83 -22.39 24.72
CA THR A 306 -44.71 -20.93 24.72
C THR A 306 -43.39 -20.49 25.34
N ILE A 307 -43.08 -21.05 26.51
CA ILE A 307 -41.84 -20.72 27.20
C ILE A 307 -40.63 -21.10 26.36
N THR A 308 -40.77 -22.17 25.58
CA THR A 308 -39.70 -22.65 24.72
C THR A 308 -39.41 -21.65 23.61
N VAL A 309 -40.48 -21.15 22.98
CA VAL A 309 -40.35 -20.19 21.89
C VAL A 309 -39.82 -18.86 22.42
N VAL A 310 -40.22 -18.51 23.64
CA VAL A 310 -39.80 -17.26 24.26
C VAL A 310 -38.29 -17.25 24.45
N PHE A 311 -37.72 -18.39 24.83
CA PHE A 311 -36.25 -18.45 24.90
C PHE A 311 -35.61 -18.03 23.58
N SER A 312 -36.02 -18.64 22.49
CA SER A 312 -35.33 -18.39 21.23
C SER A 312 -35.68 -17.03 20.68
N SER A 313 -36.78 -16.45 21.15
CA SER A 313 -37.02 -15.03 20.90
C SER A 313 -36.05 -14.19 21.70
N MET A 314 -35.59 -14.73 22.82
CA MET A 314 -34.64 -13.99 23.63
C MET A 314 -33.31 -13.94 22.90
N ILE A 315 -32.82 -15.08 22.45
CA ILE A 315 -31.53 -15.09 21.78
C ILE A 315 -31.63 -14.39 20.42
N ALA A 316 -32.69 -14.69 19.68
CA ALA A 316 -32.95 -14.00 18.42
C ALA A 316 -33.08 -12.51 18.66
N LEU A 317 -33.35 -12.10 19.89
CA LEU A 317 -33.23 -10.69 20.25
C LEU A 317 -31.76 -10.36 20.48
N MET A 318 -31.01 -11.31 21.06
CA MET A 318 -29.62 -11.03 21.39
C MET A 318 -28.83 -10.58 20.17
N ARG A 319 -29.07 -11.22 19.02
CA ARG A 319 -28.22 -10.86 17.87
C ARG A 319 -28.38 -9.41 17.39
N PRO A 320 -29.58 -8.98 17.00
CA PRO A 320 -29.70 -7.64 16.39
C PRO A 320 -29.31 -6.52 17.32
N LEU A 321 -29.74 -6.60 18.58
CA LEU A 321 -29.47 -5.56 19.55
C LEU A 321 -27.98 -5.32 19.60
N LYS A 322 -27.23 -6.42 19.54
CA LYS A 322 -25.80 -6.37 19.49
C LYS A 322 -25.42 -5.71 18.18
N SER A 323 -26.25 -5.85 17.15
CA SER A 323 -25.88 -5.20 15.90
C SER A 323 -26.23 -3.68 15.83
N LEU A 324 -27.12 -3.06 16.61
CA LEU A 324 -27.53 -1.68 16.36
C LEU A 324 -26.54 -0.62 16.81
N THR A 325 -26.01 -0.71 18.03
CA THR A 325 -24.98 0.26 18.43
C THR A 325 -23.80 0.17 17.47
N ASN A 326 -23.54 -1.02 16.96
CA ASN A 326 -22.46 -1.22 16.00
C ASN A 326 -22.69 -0.39 14.74
N VAL A 327 -23.91 -0.45 14.22
CA VAL A 327 -24.28 0.30 13.03
C VAL A 327 -24.03 1.79 13.23
N ASN A 328 -23.94 2.20 14.50
CA ASN A 328 -23.70 3.59 14.83
C ASN A 328 -22.27 3.99 14.49
N ALA A 329 -21.32 3.36 15.17
CA ALA A 329 -19.90 3.63 14.94
C ALA A 329 -19.54 3.21 13.51
N GLN A 330 -20.04 2.07 13.09
CA GLN A 330 -19.77 1.55 11.76
C GLN A 330 -20.26 2.55 10.72
N PHE A 331 -21.40 3.17 10.99
CA PHE A 331 -21.97 4.16 10.08
C PHE A 331 -21.09 5.40 10.05
N GLN A 332 -20.76 5.90 11.24
CA GLN A 332 -19.91 7.08 11.35
C GLN A 332 -18.59 6.81 10.64
N ARG A 333 -18.31 5.53 10.45
CA ARG A 333 -17.09 5.06 9.79
C ARG A 333 -17.18 5.29 8.28
N GLY A 334 -18.30 4.89 7.71
CA GLY A 334 -18.53 5.05 6.27
C GLY A 334 -18.78 6.47 5.87
N MET A 335 -19.51 7.23 6.67
CA MET A 335 -19.74 8.62 6.31
C MET A 335 -18.45 9.43 6.43
N ALA A 336 -17.56 9.06 7.35
CA ALA A 336 -16.27 9.72 7.41
C ALA A 336 -15.52 9.54 6.09
N ALA A 337 -15.40 8.30 5.63
CA ALA A 337 -14.77 8.11 4.32
C ALA A 337 -15.50 8.93 3.27
N CYS A 338 -16.83 8.99 3.37
CA CYS A 338 -17.61 9.83 2.46
C CYS A 338 -17.10 11.26 2.43
N GLN A 339 -16.67 11.76 3.57
CA GLN A 339 -16.21 13.14 3.57
C GLN A 339 -14.71 13.29 3.36
N THR A 340 -13.96 12.18 3.27
CA THR A 340 -12.66 12.28 2.62
C THR A 340 -12.79 12.31 1.10
N LEU A 341 -13.69 11.49 0.57
CA LEU A 341 -14.21 11.70 -0.77
C LEU A 341 -14.64 13.16 -0.97
N PHE A 342 -15.31 13.74 0.01
CA PHE A 342 -15.68 15.14 -0.13
C PHE A 342 -14.46 16.04 -0.07
N THR A 343 -13.47 15.67 0.75
CA THR A 343 -12.18 16.35 0.68
C THR A 343 -11.66 16.37 -0.73
N ILE A 344 -11.92 15.32 -1.49
CA ILE A 344 -11.63 15.37 -2.92
C ILE A 344 -12.46 16.48 -3.56
N LEU A 345 -13.79 16.39 -3.42
CA LEU A 345 -14.60 17.44 -4.05
C LEU A 345 -14.37 18.83 -3.48
N ASP A 346 -13.73 18.95 -2.32
CA ASP A 346 -13.49 20.27 -1.76
C ASP A 346 -12.71 21.15 -2.72
N SER A 347 -11.90 20.54 -3.58
CA SER A 347 -11.12 21.29 -4.55
C SER A 347 -11.96 21.82 -5.70
N GLU A 348 -11.39 22.80 -6.38
CA GLU A 348 -11.92 23.41 -7.60
C GLU A 348 -11.18 22.84 -8.80
N GLN A 349 -11.93 22.46 -9.83
CA GLN A 349 -11.34 22.31 -11.14
C GLN A 349 -11.30 23.70 -11.78
N GLU A 350 -10.09 24.15 -12.10
CA GLU A 350 -9.82 25.57 -12.18
C GLU A 350 -10.46 26.21 -13.41
N LYS A 351 -10.67 27.52 -13.31
CA LYS A 351 -11.54 28.24 -14.24
C LYS A 351 -10.80 29.37 -14.93
N ASP A 352 -11.51 30.03 -15.85
CA ASP A 352 -11.02 31.18 -16.60
C ASP A 352 -12.21 31.99 -17.10
N GLU A 353 -11.93 33.22 -17.54
CA GLU A 353 -12.97 34.14 -18.01
C GLU A 353 -13.49 33.81 -19.40
N GLY A 354 -12.63 33.25 -20.26
CA GLY A 354 -12.89 33.06 -21.68
C GLY A 354 -12.23 34.17 -22.46
N LYS A 355 -11.59 33.81 -23.58
CA LYS A 355 -10.61 34.72 -24.16
C LYS A 355 -10.65 34.77 -25.69
N ARG A 356 -10.34 33.65 -26.35
CA ARG A 356 -9.94 33.58 -27.76
C ARG A 356 -11.08 33.80 -28.78
N VAL A 357 -10.94 33.63 -30.11
CA VAL A 357 -10.10 32.66 -30.88
C VAL A 357 -8.62 32.98 -31.17
N ILE A 358 -7.75 31.96 -31.01
CA ILE A 358 -6.35 32.07 -31.42
C ILE A 358 -6.22 31.82 -32.93
N GLU A 359 -5.16 32.39 -33.48
CA GLU A 359 -4.65 32.04 -34.79
C GLU A 359 -3.49 31.06 -34.61
N ARG A 360 -3.48 30.00 -35.43
CA ARG A 360 -2.51 28.91 -35.28
C ARG A 360 -1.28 29.22 -36.13
N ALA A 361 -0.19 29.58 -35.47
CA ALA A 361 1.09 29.92 -36.09
C ALA A 361 2.12 30.05 -34.97
N THR A 362 3.33 30.46 -35.34
CA THR A 362 4.43 30.70 -34.40
C THR A 362 4.60 32.18 -34.06
N GLY A 363 4.80 33.04 -35.06
CA GLY A 363 4.99 34.45 -34.78
C GLY A 363 6.30 34.70 -34.07
N ASP A 364 6.22 35.33 -32.90
CA ASP A 364 7.34 35.37 -31.95
C ASP A 364 6.83 34.99 -30.56
N VAL A 365 7.19 33.80 -30.09
CA VAL A 365 6.77 33.41 -28.74
C VAL A 365 7.52 34.27 -27.74
N GLU A 366 6.79 34.79 -26.75
CA GLU A 366 7.37 35.80 -25.88
C GLU A 366 7.08 35.55 -24.41
N PHE A 367 8.14 35.34 -23.65
CA PHE A 367 8.12 35.55 -22.21
C PHE A 367 8.01 37.03 -21.94
N ARG A 368 6.99 37.46 -21.20
CA ARG A 368 6.95 38.85 -20.75
C ARG A 368 7.03 38.85 -19.22
N ASN A 369 8.23 39.15 -18.72
CA ASN A 369 8.52 39.50 -17.33
C ASN A 369 7.74 38.63 -16.37
N VAL A 370 7.42 37.40 -16.77
CA VAL A 370 6.49 36.60 -15.98
C VAL A 370 7.16 36.25 -14.66
N THR A 371 6.35 35.89 -13.68
CA THR A 371 6.85 35.52 -12.36
C THR A 371 6.19 34.22 -11.97
N PHE A 372 6.97 33.29 -11.43
CA PHE A 372 6.35 32.12 -10.83
C PHE A 372 7.30 31.44 -9.86
N THR A 373 6.69 30.71 -8.92
CA THR A 373 7.32 29.79 -7.99
C THR A 373 6.26 28.74 -7.67
N TYR A 374 6.68 27.49 -7.41
CA TYR A 374 5.67 26.44 -7.32
C TYR A 374 4.62 26.74 -6.25
N PRO A 375 4.96 26.80 -4.96
CA PRO A 375 4.23 27.72 -4.07
C PRO A 375 4.79 29.12 -4.18
N GLY A 376 3.97 30.08 -3.76
CA GLY A 376 4.29 31.49 -4.02
C GLY A 376 5.64 31.91 -3.45
N ARG A 377 5.82 31.73 -2.15
CA ARG A 377 6.99 32.25 -1.46
C ARG A 377 8.10 31.22 -1.25
N ASP A 378 7.90 29.96 -1.62
CA ASP A 378 8.80 28.91 -1.18
C ASP A 378 9.97 28.63 -2.12
N VAL A 379 9.72 27.98 -3.25
CA VAL A 379 10.78 27.53 -4.15
C VAL A 379 10.99 28.60 -5.21
N PRO A 380 12.07 29.36 -5.17
CA PRO A 380 12.32 30.32 -6.25
C PRO A 380 12.51 29.61 -7.57
N ALA A 381 11.69 29.98 -8.56
CA ALA A 381 11.67 29.23 -9.80
C ALA A 381 11.81 30.15 -11.00
N LEU A 382 10.77 30.93 -11.29
CA LEU A 382 10.72 31.74 -12.49
C LEU A 382 10.21 33.14 -12.14
N ARG A 383 11.05 34.17 -12.29
CA ARG A 383 10.67 35.52 -11.89
C ARG A 383 11.18 36.56 -12.88
N ASN A 384 10.30 37.43 -13.35
CA ASN A 384 10.63 38.43 -14.35
C ASN A 384 11.39 37.77 -15.51
N ILE A 385 10.64 36.99 -16.27
CA ILE A 385 11.16 36.27 -17.43
C ILE A 385 10.70 37.02 -18.66
N ASN A 386 11.63 37.64 -19.37
CA ASN A 386 11.28 38.49 -20.51
C ASN A 386 12.09 38.01 -21.71
N LEU A 387 11.42 37.41 -22.69
CA LEU A 387 12.11 36.79 -23.82
C LEU A 387 11.16 36.67 -25.00
N LYS A 388 11.75 36.51 -26.20
CA LYS A 388 11.03 36.42 -27.46
C LYS A 388 11.79 35.51 -28.41
N ILE A 389 11.08 34.67 -29.18
CA ILE A 389 11.75 33.77 -30.12
C ILE A 389 11.10 33.75 -31.50
N PRO A 390 11.90 33.80 -32.57
CA PRO A 390 11.38 33.67 -33.94
C PRO A 390 11.09 32.23 -34.35
N ALA A 391 10.37 32.12 -35.47
CA ALA A 391 10.12 30.85 -36.13
C ALA A 391 11.41 30.13 -36.49
N GLY A 392 11.38 28.80 -36.40
CA GLY A 392 12.47 27.96 -36.86
C GLY A 392 13.77 28.12 -36.13
N LYS A 393 13.82 28.95 -35.07
CA LYS A 393 15.06 29.20 -34.35
C LYS A 393 15.17 28.27 -33.16
N THR A 394 16.15 27.37 -33.22
CA THR A 394 16.51 26.55 -32.08
C THR A 394 16.91 27.45 -30.92
N VAL A 395 16.30 27.18 -29.76
CA VAL A 395 16.61 27.86 -28.52
C VAL A 395 17.32 26.84 -27.63
N ALA A 396 18.60 27.06 -27.36
CA ALA A 396 19.30 26.15 -26.47
C ALA A 396 19.06 26.55 -25.02
N LEU A 397 18.88 25.55 -24.15
CA LEU A 397 18.85 25.81 -22.72
C LEU A 397 20.24 25.63 -22.14
N VAL A 398 20.88 26.74 -21.83
CA VAL A 398 22.11 26.79 -21.08
C VAL A 398 21.80 27.53 -19.78
N GLY A 399 21.68 26.80 -18.70
CA GLY A 399 21.18 27.38 -17.47
C GLY A 399 21.28 26.37 -16.34
N ARG A 400 21.29 26.91 -15.13
CA ARG A 400 21.63 26.13 -13.94
C ARG A 400 20.44 26.00 -13.01
N SER A 401 20.30 24.80 -12.44
CA SER A 401 19.12 24.46 -11.65
C SER A 401 19.04 25.37 -10.42
N GLY A 402 17.82 25.49 -9.91
CA GLY A 402 17.46 26.58 -9.04
C GLY A 402 16.95 27.79 -9.78
N SER A 403 17.31 27.91 -11.06
CA SER A 403 16.66 28.79 -12.02
C SER A 403 15.58 28.07 -12.80
N GLY A 404 15.41 26.77 -12.57
CA GLY A 404 14.32 26.01 -13.14
C GLY A 404 14.37 25.79 -14.64
N LYS A 405 15.46 25.19 -15.14
CA LYS A 405 15.51 24.88 -16.56
C LYS A 405 14.42 23.89 -16.95
N SER A 406 14.41 22.71 -16.33
CA SER A 406 13.30 21.78 -16.52
C SER A 406 11.98 22.36 -16.07
N THR A 407 12.01 23.46 -15.33
CA THR A 407 10.79 24.14 -14.89
C THR A 407 10.19 25.03 -15.97
N ILE A 408 11.00 25.53 -16.91
CA ILE A 408 10.56 26.58 -17.83
C ILE A 408 9.20 26.25 -18.44
N ALA A 409 9.17 25.22 -19.30
CA ALA A 409 7.97 24.92 -20.06
C ALA A 409 6.75 24.76 -19.16
N SER A 410 6.97 24.42 -17.89
CA SER A 410 5.87 24.26 -16.95
C SER A 410 4.91 25.43 -17.01
N LEU A 411 5.43 26.66 -17.12
CA LEU A 411 4.54 27.79 -17.30
C LEU A 411 3.92 27.81 -18.69
N ILE A 412 4.76 27.73 -19.72
CA ILE A 412 4.27 28.10 -21.04
C ILE A 412 3.41 27.01 -21.66
N THR A 413 3.45 25.79 -21.12
CA THR A 413 2.41 24.81 -21.38
C THR A 413 1.29 24.91 -20.36
N ARG A 414 1.41 25.84 -19.42
CA ARG A 414 0.53 25.96 -18.26
C ARG A 414 0.21 24.59 -17.67
N PHE A 415 1.28 23.96 -17.17
CA PHE A 415 1.14 23.11 -16.00
C PHE A 415 0.75 23.94 -14.80
N TYR A 416 1.20 25.19 -14.77
CA TYR A 416 0.92 26.14 -13.71
C TYR A 416 0.36 27.42 -14.33
N ASP A 417 -0.17 28.27 -13.48
CA ASP A 417 -0.63 29.58 -13.94
C ASP A 417 0.16 30.69 -13.25
N ILE A 418 -0.11 31.91 -13.67
CA ILE A 418 0.82 33.02 -13.52
C ILE A 418 0.76 33.57 -12.11
N ASP A 419 1.93 33.95 -11.60
CA ASP A 419 1.99 34.87 -10.47
C ASP A 419 1.88 36.32 -10.94
N GLU A 420 2.58 36.67 -12.02
CA GLU A 420 2.73 38.05 -12.47
C GLU A 420 3.06 38.04 -13.95
N GLY A 421 2.94 39.19 -14.58
CA GLY A 421 3.48 39.37 -15.91
C GLY A 421 2.54 38.81 -16.98
N GLU A 422 3.11 38.59 -18.16
CA GLU A 422 2.30 38.16 -19.30
C GLU A 422 3.02 37.16 -20.17
N ILE A 423 2.32 36.08 -20.51
CA ILE A 423 2.73 35.17 -21.56
C ILE A 423 2.14 35.71 -22.86
N LEU A 424 2.99 36.11 -23.81
CA LEU A 424 2.42 36.73 -24.99
C LEU A 424 3.29 36.46 -26.21
N MET A 425 2.65 36.29 -27.36
CA MET A 425 3.31 36.32 -28.65
C MET A 425 2.62 37.35 -29.52
N ASP A 426 3.40 38.20 -30.18
CA ASP A 426 2.83 39.34 -30.90
C ASP A 426 1.85 40.10 -30.02
N GLY A 427 2.27 40.37 -28.79
CA GLY A 427 1.42 41.09 -27.87
C GLY A 427 0.09 40.43 -27.58
N HIS A 428 0.02 39.10 -27.68
CA HIS A 428 -1.24 38.42 -27.52
C HIS A 428 -1.54 38.37 -26.03
N ASP A 429 -2.61 39.05 -25.61
CA ASP A 429 -2.88 39.28 -24.20
C ASP A 429 -2.82 37.98 -23.42
N LEU A 430 -2.18 38.02 -22.25
CA LEU A 430 -2.27 36.89 -21.34
C LEU A 430 -3.72 36.55 -21.06
N ARG A 431 -4.59 37.55 -21.10
CA ARG A 431 -6.01 37.38 -20.86
C ARG A 431 -6.85 37.29 -22.13
N GLU A 432 -6.25 37.38 -23.32
CA GLU A 432 -7.00 37.03 -24.53
C GLU A 432 -6.68 35.64 -25.06
N TYR A 433 -5.83 34.86 -24.39
CA TYR A 433 -5.53 33.51 -24.83
C TYR A 433 -6.18 32.54 -23.85
N THR A 434 -7.23 31.87 -24.29
CA THR A 434 -7.92 30.93 -23.41
C THR A 434 -7.01 29.74 -23.12
N LEU A 435 -6.95 29.38 -21.85
CA LEU A 435 -6.13 28.26 -21.40
C LEU A 435 -6.38 27.01 -22.24
N ALA A 436 -7.63 26.79 -22.64
CA ALA A 436 -7.98 25.63 -23.45
C ALA A 436 -7.24 25.64 -24.78
N SER A 437 -7.27 26.77 -25.47
CA SER A 437 -6.63 26.78 -26.78
C SER A 437 -5.18 27.22 -26.72
N LEU A 438 -4.69 27.61 -25.55
CA LEU A 438 -3.26 27.45 -25.30
C LEU A 438 -2.89 25.99 -25.34
N ARG A 439 -3.62 25.15 -24.60
CA ARG A 439 -3.41 23.71 -24.72
C ARG A 439 -3.46 23.28 -26.17
N ASN A 440 -4.39 23.84 -26.95
CA ASN A 440 -4.38 23.65 -28.39
C ASN A 440 -3.04 23.97 -29.05
N GLN A 441 -2.66 25.25 -29.10
CA GLN A 441 -1.52 25.63 -29.94
C GLN A 441 -0.17 25.46 -29.25
N VAL A 442 -0.13 25.06 -27.98
CA VAL A 442 1.16 24.76 -27.37
C VAL A 442 1.62 23.39 -27.85
N ALA A 443 2.94 23.22 -27.94
CA ALA A 443 3.53 22.00 -28.49
C ALA A 443 4.63 21.51 -27.58
N LEU A 444 4.87 20.21 -27.62
CA LEU A 444 5.88 19.63 -26.76
C LEU A 444 6.38 18.31 -27.33
N VAL A 445 7.63 18.00 -27.03
CA VAL A 445 8.13 16.62 -26.97
C VAL A 445 8.93 16.53 -25.69
N SER A 446 8.41 15.78 -24.73
CA SER A 446 9.02 15.85 -23.41
C SER A 446 10.31 15.05 -23.37
N GLN A 447 11.12 15.35 -22.35
CA GLN A 447 12.26 14.51 -22.02
C GLN A 447 11.84 13.10 -21.62
N ASN A 448 10.53 12.89 -21.45
CA ASN A 448 9.90 11.62 -21.09
C ASN A 448 8.83 11.31 -22.13
N VAL A 449 8.01 10.29 -21.88
CA VAL A 449 6.93 9.95 -22.81
C VAL A 449 5.81 9.18 -22.11
N HIS A 450 4.63 9.17 -22.76
CA HIS A 450 3.41 8.54 -22.30
C HIS A 450 2.57 8.18 -23.52
N LEU A 451 1.82 7.07 -23.43
CA LEU A 451 0.95 6.66 -24.53
C LEU A 451 -0.50 6.52 -24.09
N PHE A 452 -1.37 6.44 -25.08
CA PHE A 452 -2.79 6.14 -24.92
C PHE A 452 -3.11 4.74 -25.48
N ASN A 453 -3.72 3.90 -24.65
CA ASN A 453 -4.07 2.55 -25.07
C ASN A 453 -4.64 2.50 -26.48
N ASP A 454 -3.89 1.90 -27.39
CA ASP A 454 -4.33 1.78 -28.78
C ASP A 454 -3.20 1.29 -29.68
N THR A 455 -3.55 0.75 -30.83
CA THR A 455 -2.56 0.24 -31.78
C THR A 455 -1.42 1.24 -31.96
N VAL A 456 -0.25 0.72 -32.32
CA VAL A 456 0.93 1.56 -32.52
C VAL A 456 0.58 2.80 -33.34
N ALA A 457 -0.46 2.69 -34.16
CA ALA A 457 -0.89 3.80 -35.00
C ALA A 457 -2.04 4.55 -34.36
N ASN A 458 -2.80 3.88 -33.50
CA ASN A 458 -3.85 4.55 -32.75
C ASN A 458 -3.32 5.23 -31.48
N ASN A 459 -2.24 4.70 -30.88
CA ASN A 459 -1.48 5.46 -29.89
C ASN A 459 -1.14 6.82 -30.45
N ILE A 460 -0.51 6.82 -31.62
CA ILE A 460 -0.11 8.05 -32.28
C ILE A 460 -1.29 8.68 -33.02
N ALA A 461 -2.50 8.30 -32.63
CA ALA A 461 -3.70 8.82 -33.27
C ALA A 461 -4.46 9.75 -32.33
N TYR A 462 -3.87 10.02 -31.17
CA TYR A 462 -4.49 10.90 -30.19
C TYR A 462 -4.41 12.36 -30.62
N ALA A 463 -3.20 12.87 -30.74
CA ALA A 463 -2.98 14.25 -31.15
C ALA A 463 -3.87 14.62 -32.34
N ARG A 464 -4.47 15.79 -32.28
CA ARG A 464 -5.35 16.27 -33.35
C ARG A 464 -6.72 15.61 -33.27
N THR A 465 -7.02 15.01 -32.12
CA THR A 465 -8.30 14.35 -31.91
C THR A 465 -8.47 13.18 -32.87
N GLU A 466 -7.53 13.04 -33.81
CA GLU A 466 -7.59 11.96 -34.79
C GLU A 466 -8.67 12.23 -35.85
N GLN A 467 -9.47 11.21 -36.17
CA GLN A 467 -10.53 11.36 -37.15
C GLN A 467 -9.98 11.31 -38.58
N TYR A 468 -8.67 11.41 -38.71
CA TYR A 468 -8.02 11.38 -40.03
C TYR A 468 -7.71 9.95 -40.45
N SER A 469 -7.14 9.81 -41.64
CA SER A 469 -6.80 8.49 -42.17
C SER A 469 -5.45 8.02 -41.63
N ARG A 470 -5.10 6.77 -41.95
CA ARG A 470 -3.83 6.20 -41.49
C ARG A 470 -2.68 6.41 -42.48
N GLU A 471 -2.87 7.21 -43.52
CA GLU A 471 -1.89 7.30 -44.60
C GLU A 471 -0.59 8.01 -44.21
N GLN A 472 -0.64 9.33 -44.03
CA GLN A 472 0.58 10.06 -43.72
C GLN A 472 0.87 10.15 -42.24
N ILE A 473 0.09 9.46 -41.40
CA ILE A 473 0.58 9.17 -40.07
C ILE A 473 1.51 7.97 -40.11
N GLU A 474 1.15 6.96 -40.89
CA GLU A 474 2.10 5.93 -41.31
C GLU A 474 3.35 6.59 -41.89
N GLU A 475 3.21 7.30 -43.00
CA GLU A 475 4.37 7.95 -43.57
C GLU A 475 5.02 8.90 -42.58
N ALA A 476 4.22 9.51 -41.71
CA ALA A 476 4.79 10.35 -40.67
C ALA A 476 5.73 9.56 -39.78
N ALA A 477 5.45 8.27 -39.59
CA ALA A 477 6.40 7.39 -38.92
C ALA A 477 7.57 7.03 -39.83
N ARG A 478 7.34 6.96 -41.15
CA ARG A 478 8.42 6.65 -42.07
C ARG A 478 9.57 7.65 -41.95
N MET A 479 9.27 8.94 -42.09
CA MET A 479 10.25 9.98 -41.86
C MET A 479 10.72 10.04 -40.43
N ALA A 480 10.02 9.37 -39.51
CA ALA A 480 10.29 9.49 -38.09
C ALA A 480 11.33 8.50 -37.59
N TYR A 481 11.89 7.66 -38.47
CA TYR A 481 12.83 6.61 -38.11
C TYR A 481 12.12 5.57 -37.26
N ALA A 482 10.85 5.78 -36.93
CA ALA A 482 10.05 4.99 -35.99
C ALA A 482 9.47 3.72 -36.58
N MET A 483 9.23 3.67 -37.89
CA MET A 483 8.50 2.56 -38.51
C MET A 483 9.03 1.20 -38.08
N ASP A 484 10.36 1.05 -37.97
CA ASP A 484 10.95 -0.29 -37.93
C ASP A 484 10.66 -1.01 -36.62
N PHE A 485 10.76 -0.33 -35.48
CA PHE A 485 10.38 -0.96 -34.22
C PHE A 485 8.88 -0.91 -33.97
N ILE A 486 8.13 -0.31 -34.89
CA ILE A 486 6.67 -0.29 -34.87
C ILE A 486 6.16 -1.48 -35.66
N ASN A 487 6.50 -1.51 -36.95
CA ASN A 487 5.98 -2.51 -37.87
C ASN A 487 6.55 -3.91 -37.62
N LYS A 488 7.87 -4.02 -37.44
CA LYS A 488 8.44 -5.34 -37.20
C LYS A 488 7.87 -5.98 -35.94
N MET A 489 7.25 -5.17 -35.06
CA MET A 489 6.61 -5.63 -33.84
C MET A 489 5.40 -6.49 -34.19
N ASP A 490 4.90 -7.21 -33.18
CA ASP A 490 3.70 -8.02 -33.33
C ASP A 490 2.59 -7.21 -34.01
N ASN A 491 1.86 -7.87 -34.91
CA ASN A 491 0.80 -7.23 -35.71
C ASN A 491 1.38 -6.22 -36.70
N GLY A 492 2.54 -6.53 -37.27
CA GLY A 492 3.05 -5.78 -38.41
C GLY A 492 3.06 -4.29 -38.17
N LEU A 493 2.83 -3.53 -39.26
CA LEU A 493 2.67 -2.08 -39.17
C LEU A 493 1.45 -1.69 -38.34
N ASP A 494 0.52 -2.62 -38.17
CA ASP A 494 -0.75 -2.47 -37.49
C ASP A 494 -0.60 -2.68 -35.99
N THR A 495 0.64 -2.68 -35.49
CA THR A 495 1.04 -3.40 -34.30
C THR A 495 0.06 -3.23 -33.16
N VAL A 496 -0.36 -4.37 -32.58
CA VAL A 496 -1.20 -4.39 -31.39
C VAL A 496 -0.30 -4.70 -30.21
N ILE A 497 -0.04 -3.66 -29.42
CA ILE A 497 0.68 -3.77 -28.16
C ILE A 497 -0.04 -2.87 -27.17
N GLY A 498 -0.53 -3.46 -26.09
CA GLY A 498 -1.42 -2.77 -25.18
C GLY A 498 -0.71 -2.24 -23.96
N GLU A 499 -1.52 -1.85 -22.97
CA GLU A 499 -1.12 -1.14 -21.76
C GLU A 499 -0.10 -0.07 -22.12
N ASN A 500 -0.33 0.57 -23.27
CA ASN A 500 0.58 1.54 -23.85
C ASN A 500 1.88 0.91 -24.36
N GLY A 501 1.80 -0.29 -24.96
CA GLY A 501 2.91 -0.79 -25.75
C GLY A 501 4.25 -0.95 -25.04
N VAL A 502 4.32 -1.79 -24.01
CA VAL A 502 5.47 -1.82 -23.10
C VAL A 502 6.79 -1.90 -23.85
N LEU A 503 6.80 -2.50 -25.05
CA LEU A 503 8.06 -2.86 -25.68
C LEU A 503 8.62 -1.74 -26.57
N LEU A 504 8.01 -0.57 -26.57
CA LEU A 504 8.55 0.60 -27.25
C LEU A 504 9.25 1.48 -26.22
N SER A 505 10.53 1.75 -26.42
CA SER A 505 11.30 2.45 -25.39
C SER A 505 10.88 3.91 -25.28
N GLY A 506 11.25 4.52 -24.14
CA GLY A 506 10.91 5.92 -23.91
C GLY A 506 11.31 6.82 -25.06
N GLY A 507 12.57 6.73 -25.49
CA GLY A 507 12.98 7.48 -26.66
C GLY A 507 12.21 7.10 -27.91
N GLN A 508 11.94 5.81 -28.09
CA GLN A 508 11.11 5.37 -29.21
C GLN A 508 9.74 6.02 -29.18
N ARG A 509 9.09 5.97 -28.02
CA ARG A 509 7.74 6.48 -27.90
C ARG A 509 7.71 8.00 -28.05
N GLN A 510 8.79 8.68 -27.67
CA GLN A 510 8.93 10.09 -28.03
C GLN A 510 9.03 10.25 -29.54
N ARG A 511 9.91 9.48 -30.17
CA ARG A 511 10.07 9.50 -31.62
C ARG A 511 8.72 9.49 -32.34
N ILE A 512 8.01 8.36 -32.23
CA ILE A 512 6.70 8.29 -32.86
C ILE A 512 5.82 9.43 -32.37
N ALA A 513 5.86 9.72 -31.07
CA ALA A 513 5.07 10.84 -30.56
C ALA A 513 5.39 12.14 -31.26
N ILE A 514 6.55 12.23 -31.92
CA ILE A 514 6.88 13.39 -32.73
C ILE A 514 6.22 13.28 -34.08
N ALA A 515 5.99 12.06 -34.55
CA ALA A 515 5.00 11.96 -35.62
C ALA A 515 3.65 12.49 -35.16
N ARG A 516 3.32 12.31 -33.88
CA ARG A 516 2.15 13.00 -33.36
C ARG A 516 2.39 14.50 -33.29
N ALA A 517 3.66 14.92 -33.25
CA ALA A 517 3.96 16.32 -33.49
C ALA A 517 3.79 16.70 -34.96
N LEU A 518 3.68 15.72 -35.86
CA LEU A 518 3.18 16.01 -37.20
C LEU A 518 1.67 16.21 -37.17
N LEU A 519 0.93 15.28 -36.54
CA LEU A 519 -0.51 15.48 -36.41
C LEU A 519 -0.83 16.83 -35.80
N ARG A 520 0.03 17.29 -34.90
CA ARG A 520 -0.15 18.62 -34.35
C ARG A 520 0.57 19.70 -35.16
N ASP A 521 1.46 19.30 -36.09
CA ASP A 521 2.45 20.22 -36.64
C ASP A 521 3.02 21.05 -35.49
N SER A 522 3.79 20.43 -34.61
CA SER A 522 3.99 21.02 -33.30
C SER A 522 4.71 22.37 -33.39
N PRO A 523 4.01 23.47 -33.14
CA PRO A 523 4.61 24.78 -33.44
C PRO A 523 5.73 25.18 -32.49
N ILE A 524 5.53 25.03 -31.19
CA ILE A 524 6.38 25.67 -30.19
C ILE A 524 6.87 24.60 -29.22
N LEU A 525 8.16 24.31 -29.28
CA LEU A 525 8.63 23.00 -28.87
C LEU A 525 9.66 23.10 -27.76
N ILE A 526 9.57 22.16 -26.81
CA ILE A 526 10.63 21.85 -25.85
C ILE A 526 10.91 20.37 -26.01
N LEU A 527 12.09 19.95 -25.57
CA LEU A 527 12.55 18.60 -25.81
C LEU A 527 13.88 18.40 -25.11
N ASP A 528 14.34 17.15 -25.10
CA ASP A 528 15.72 16.81 -24.80
C ASP A 528 16.19 15.78 -25.83
N GLU A 529 17.11 16.18 -26.69
CA GLU A 529 17.96 15.25 -27.42
C GLU A 529 19.37 15.79 -27.36
N ALA A 530 20.24 15.11 -26.63
CA ALA A 530 21.58 15.62 -26.33
C ALA A 530 22.37 14.49 -25.66
N THR A 531 23.56 14.82 -25.17
CA THR A 531 24.34 13.86 -24.42
C THR A 531 23.70 13.48 -23.09
N SER A 532 22.61 14.14 -22.69
CA SER A 532 21.97 13.85 -21.41
C SER A 532 21.52 12.40 -21.30
N ALA A 533 20.44 12.01 -21.97
CA ALA A 533 19.99 10.62 -21.92
C ALA A 533 19.52 10.14 -23.28
N LEU A 534 20.25 9.17 -23.86
CA LEU A 534 19.81 8.18 -24.84
C LEU A 534 21.04 7.47 -25.37
N ASP A 535 20.88 6.42 -26.19
CA ASP A 535 22.00 5.95 -26.99
C ASP A 535 22.27 6.95 -28.10
N THR A 536 23.55 7.25 -28.34
CA THR A 536 23.88 8.38 -29.20
C THR A 536 23.67 8.07 -30.68
N GLU A 537 23.74 6.80 -31.10
CA GLU A 537 23.51 6.44 -32.49
C GLU A 537 22.07 6.77 -32.91
N SER A 538 21.10 6.18 -32.22
CA SER A 538 19.71 6.53 -32.45
C SER A 538 19.39 7.94 -31.97
N GLU A 539 20.31 8.57 -31.23
CA GLU A 539 20.18 9.96 -30.80
C GLU A 539 20.31 10.86 -32.02
N ARG A 540 21.49 10.87 -32.64
CA ARG A 540 21.68 11.67 -33.85
C ARG A 540 20.80 11.17 -35.00
N ALA A 541 20.49 9.87 -35.03
CA ALA A 541 19.59 9.37 -36.06
C ALA A 541 18.22 10.04 -35.94
N ILE A 542 17.59 9.91 -34.78
CA ILE A 542 16.32 10.58 -34.56
C ILE A 542 16.54 12.05 -34.84
N GLN A 543 17.22 12.75 -33.92
CA GLN A 543 17.25 14.21 -33.93
C GLN A 543 17.64 14.77 -35.29
N ALA A 544 18.32 13.98 -36.13
CA ALA A 544 18.35 14.28 -37.55
C ALA A 544 16.95 14.27 -38.13
N ALA A 545 16.22 13.16 -37.96
CA ALA A 545 14.87 13.10 -38.50
C ALA A 545 13.91 14.00 -37.71
N LEU A 546 14.00 13.98 -36.39
CA LEU A 546 13.26 14.88 -35.51
C LEU A 546 13.40 16.32 -35.99
N ASP A 547 14.65 16.78 -36.09
CA ASP A 547 14.90 18.17 -36.45
C ASP A 547 14.44 18.46 -37.87
N GLU A 548 14.57 17.48 -38.77
CA GLU A 548 13.96 17.62 -40.09
C GLU A 548 12.46 17.84 -39.98
N LEU A 549 11.81 17.18 -39.02
CA LEU A 549 10.38 17.36 -38.84
C LEU A 549 10.06 18.62 -38.05
N GLN A 550 10.92 19.04 -37.12
CA GLN A 550 10.65 20.27 -36.41
C GLN A 550 10.92 21.50 -37.27
N LYS A 551 11.50 21.34 -38.46
CA LYS A 551 11.88 22.50 -39.24
C LYS A 551 10.67 23.34 -39.59
N ASN A 552 10.94 24.60 -39.91
CA ASN A 552 9.90 25.55 -40.30
C ASN A 552 8.93 25.80 -39.14
N ARG A 553 9.38 25.55 -37.91
CA ARG A 553 8.64 25.82 -36.69
C ARG A 553 9.63 26.06 -35.57
N THR A 554 9.26 26.91 -34.63
CA THR A 554 10.13 27.24 -33.50
C THR A 554 10.46 25.97 -32.72
N SER A 555 11.69 25.91 -32.23
CA SER A 555 12.18 24.72 -31.56
C SER A 555 13.17 25.12 -30.48
N LEU A 556 13.17 24.34 -29.39
CA LEU A 556 14.04 24.54 -28.24
C LEU A 556 14.67 23.21 -27.91
N VAL A 557 15.66 23.21 -27.02
CA VAL A 557 16.40 22.00 -26.70
C VAL A 557 17.00 22.14 -25.31
N ILE A 558 17.34 21.01 -24.70
CA ILE A 558 18.30 20.98 -23.61
C ILE A 558 19.69 20.99 -24.23
N ALA A 559 20.49 21.98 -23.88
CA ALA A 559 21.77 22.22 -24.57
C ALA A 559 22.86 21.40 -23.89
N HIS A 560 23.38 20.42 -24.62
CA HIS A 560 24.56 19.67 -24.23
C HIS A 560 25.52 19.60 -25.39
N ARG A 561 25.07 19.00 -26.50
CA ARG A 561 25.91 18.77 -27.67
C ARG A 561 26.60 20.03 -28.16
N LEU A 562 27.87 19.88 -28.54
CA LEU A 562 28.54 20.90 -29.35
C LEU A 562 27.86 21.07 -30.68
N SER A 563 27.21 20.03 -31.20
CA SER A 563 26.47 20.14 -32.46
C SER A 563 25.47 21.29 -32.37
N THR A 564 24.62 21.28 -31.35
CA THR A 564 23.56 22.28 -31.29
C THR A 564 24.06 23.62 -30.77
N ILE A 565 24.96 23.63 -29.77
CA ILE A 565 25.29 24.90 -29.11
C ILE A 565 25.88 25.90 -30.11
N GLU A 566 26.68 25.42 -31.06
CA GLU A 566 27.07 26.28 -32.17
C GLU A 566 26.14 26.15 -33.38
N LYS A 567 25.30 25.11 -33.42
CA LYS A 567 24.29 25.02 -34.48
C LYS A 567 23.07 25.87 -34.15
N ALA A 568 22.71 25.95 -32.87
CA ALA A 568 21.54 26.73 -32.48
C ALA A 568 21.79 28.21 -32.66
N ASP A 569 20.88 28.87 -33.37
CA ASP A 569 20.97 30.30 -33.67
C ASP A 569 20.91 31.17 -32.42
N GLU A 570 20.63 30.58 -31.26
CA GLU A 570 20.56 31.27 -29.99
C GLU A 570 21.21 30.39 -28.93
N ILE A 571 21.66 31.02 -27.85
CA ILE A 571 21.76 30.35 -26.55
C ILE A 571 21.35 31.35 -25.47
N VAL A 572 20.48 30.90 -24.55
CA VAL A 572 19.90 31.73 -23.51
C VAL A 572 20.43 31.26 -22.16
N VAL A 573 20.57 32.20 -21.22
CA VAL A 573 20.97 31.89 -19.85
C VAL A 573 20.07 32.68 -18.90
N VAL A 574 19.77 32.08 -17.75
CA VAL A 574 18.86 32.64 -16.76
C VAL A 574 19.49 32.53 -15.37
N GLU A 575 19.32 33.58 -14.57
CA GLU A 575 19.75 33.62 -13.19
C GLU A 575 18.54 33.40 -12.29
N ASP A 576 18.47 32.25 -11.61
CA ASP A 576 17.46 32.04 -10.58
C ASP A 576 16.07 32.49 -11.06
N GLY A 577 15.71 32.10 -12.28
CA GLY A 577 14.43 32.47 -12.83
C GLY A 577 14.36 33.88 -13.38
N VAL A 578 15.32 34.74 -13.07
CA VAL A 578 15.36 36.10 -13.60
C VAL A 578 16.56 36.22 -14.54
N ILE A 579 16.28 36.33 -15.83
CA ILE A 579 17.27 35.97 -16.85
C ILE A 579 18.40 36.98 -16.89
N VAL A 580 19.63 36.49 -17.02
CA VAL A 580 20.76 37.35 -17.35
C VAL A 580 20.88 37.56 -18.86
N GLU A 581 20.71 36.50 -19.66
CA GLU A 581 21.23 36.49 -21.02
C GLU A 581 20.23 35.93 -22.03
N ARG A 582 20.13 36.61 -23.16
CA ARG A 582 19.49 36.09 -24.36
C ARG A 582 20.36 36.42 -25.56
N GLY A 583 19.98 35.93 -26.73
CA GLY A 583 20.65 36.29 -27.96
C GLY A 583 21.61 35.20 -28.46
N THR A 584 22.36 35.58 -29.48
CA THR A 584 23.16 34.62 -30.24
C THR A 584 24.38 34.16 -29.46
N HIS A 585 24.91 33.02 -29.89
CA HIS A 585 25.91 32.27 -29.13
C HIS A 585 27.18 33.03 -28.81
N ASN A 586 28.03 33.21 -29.81
CA ASN A 586 29.39 33.66 -29.54
C ASN A 586 29.46 35.14 -29.23
N ASP A 587 28.42 35.90 -29.55
CA ASP A 587 28.41 37.30 -29.18
C ASP A 587 28.14 37.46 -27.69
N LEU A 588 27.56 36.45 -27.04
CA LEU A 588 27.64 36.35 -25.58
C LEU A 588 28.67 35.35 -25.10
N LEU A 589 29.37 34.66 -26.00
CA LEU A 589 30.55 33.92 -25.54
C LEU A 589 31.69 34.90 -25.30
N GLU A 590 31.58 36.09 -25.88
CA GLU A 590 32.39 37.27 -25.57
C GLU A 590 31.68 38.19 -24.58
N HIS A 591 30.54 37.78 -24.03
CA HIS A 591 29.94 38.48 -22.89
C HIS A 591 30.95 38.69 -21.77
N ARG A 592 31.89 37.76 -21.61
CA ARG A 592 32.76 37.65 -20.45
C ARG A 592 31.94 37.40 -19.19
N GLY A 593 30.72 36.89 -19.37
CA GLY A 593 29.78 36.68 -18.29
C GLY A 593 29.51 35.23 -17.99
N VAL A 594 28.34 34.99 -17.39
CA VAL A 594 27.89 33.65 -17.02
C VAL A 594 27.77 32.72 -18.20
N TYR A 595 27.71 33.28 -19.41
CA TYR A 595 27.62 32.46 -20.62
C TYR A 595 28.82 31.51 -20.71
N ALA A 596 30.02 32.09 -20.86
CA ALA A 596 31.25 31.30 -20.93
C ALA A 596 31.44 30.43 -19.69
N GLN A 597 31.02 30.94 -18.52
CA GLN A 597 30.88 30.11 -17.33
C GLN A 597 30.18 28.80 -17.67
N LEU A 598 28.89 28.86 -17.99
CA LEU A 598 28.14 27.66 -18.29
C LEU A 598 28.74 26.88 -19.44
N HIS A 599 29.59 27.49 -20.26
CA HIS A 599 30.32 26.64 -21.19
C HIS A 599 31.42 25.86 -20.49
N LYS A 600 32.03 26.45 -19.45
CA LYS A 600 33.12 25.72 -18.77
C LYS A 600 32.61 24.74 -17.71
N MET A 601 31.61 25.11 -16.90
CA MET A 601 31.14 24.24 -15.84
C MET A 601 29.86 23.46 -16.19
N GLN A 602 29.25 23.69 -17.35
CA GLN A 602 28.21 22.79 -17.85
C GLN A 602 28.77 21.92 -18.96
N PHE A 603 29.26 22.51 -20.06
CA PHE A 603 30.11 21.76 -20.96
C PHE A 603 31.53 21.83 -20.40
N GLN B 34 4.61 -27.62 2.84
CA GLN B 34 5.05 -28.62 3.79
C GLN B 34 5.25 -28.00 5.15
N THR B 35 5.16 -26.67 5.19
CA THR B 35 5.69 -25.88 6.29
C THR B 35 5.32 -26.45 7.65
N PHE B 36 4.08 -26.87 7.82
CA PHE B 36 3.60 -27.38 9.10
C PHE B 36 4.50 -28.47 9.66
N ARG B 37 5.08 -29.30 8.80
CA ARG B 37 5.99 -30.34 9.28
C ARG B 37 7.29 -29.75 9.79
N ARG B 38 7.86 -28.79 9.05
CA ARG B 38 9.01 -28.02 9.52
C ARG B 38 8.61 -26.92 10.50
N LEU B 39 7.32 -26.69 10.68
CA LEU B 39 6.86 -25.51 11.40
C LEU B 39 7.33 -25.52 12.84
N TRP B 40 7.11 -26.64 13.53
CA TRP B 40 7.19 -26.63 15.00
C TRP B 40 8.48 -26.04 15.56
N PRO B 41 9.67 -26.33 15.03
CA PRO B 41 10.89 -25.88 15.71
C PRO B 41 10.90 -24.41 16.10
N THR B 42 10.45 -23.51 15.24
CA THR B 42 10.33 -22.12 15.66
C THR B 42 9.37 -21.99 16.82
N ILE B 43 8.35 -22.85 16.87
CA ILE B 43 7.31 -22.71 17.87
C ILE B 43 7.73 -23.29 19.20
N ALA B 44 8.72 -24.17 19.20
CA ALA B 44 8.73 -25.27 20.16
C ALA B 44 8.59 -24.84 21.62
N PRO B 45 9.52 -24.09 22.21
CA PRO B 45 9.67 -24.16 23.67
C PRO B 45 8.45 -23.69 24.45
N PHE B 46 7.77 -22.67 23.99
CA PHE B 46 6.71 -22.02 24.76
C PHE B 46 5.35 -22.67 24.60
N LYS B 47 5.32 -23.89 24.06
CA LYS B 47 4.09 -24.63 23.79
C LYS B 47 3.04 -24.55 24.90
N ALA B 48 3.47 -24.58 26.17
CA ALA B 48 2.51 -24.63 27.27
C ALA B 48 1.45 -23.53 27.17
N GLY B 49 1.79 -22.40 26.58
CA GLY B 49 0.77 -21.44 26.25
C GLY B 49 -0.29 -22.12 25.42
N LEU B 50 0.10 -22.73 24.31
CA LEU B 50 -0.90 -23.39 23.47
C LEU B 50 -1.54 -24.57 24.19
N ILE B 51 -0.92 -25.07 25.25
CA ILE B 51 -1.53 -26.17 25.99
C ILE B 51 -2.70 -25.65 26.81
N VAL B 52 -2.50 -24.56 27.55
CA VAL B 52 -3.63 -23.99 28.27
C VAL B 52 -4.65 -23.46 27.27
N ALA B 53 -4.18 -23.07 26.09
CA ALA B 53 -5.11 -22.76 25.01
C ALA B 53 -6.03 -23.94 24.75
N GLY B 54 -5.44 -25.06 24.31
CA GLY B 54 -6.25 -26.21 23.95
C GLY B 54 -7.20 -26.64 25.05
N VAL B 55 -6.72 -26.68 26.30
CA VAL B 55 -7.59 -27.15 27.36
C VAL B 55 -8.72 -26.16 27.60
N ALA B 56 -8.41 -24.87 27.61
CA ALA B 56 -9.48 -23.89 27.74
C ALA B 56 -10.44 -23.97 26.57
N LEU B 57 -9.98 -24.49 25.45
CA LEU B 57 -10.80 -24.57 24.25
C LEU B 57 -11.76 -25.73 24.27
N ILE B 58 -11.27 -26.94 24.56
CA ILE B 58 -12.18 -28.06 24.75
C ILE B 58 -13.18 -27.70 25.83
N LEU B 59 -12.71 -27.04 26.90
CA LEU B 59 -13.62 -26.54 27.90
C LEU B 59 -14.58 -25.52 27.33
N ASN B 60 -14.14 -24.72 26.36
CA ASN B 60 -15.00 -23.69 25.77
C ASN B 60 -16.19 -24.32 25.06
N ALA B 61 -15.91 -25.21 24.11
CA ALA B 61 -16.99 -25.95 23.48
C ALA B 61 -17.84 -26.63 24.54
N ALA B 62 -17.19 -27.26 25.53
CA ALA B 62 -17.93 -27.89 26.61
C ALA B 62 -18.86 -26.91 27.28
N SER B 63 -18.49 -25.64 27.36
CA SER B 63 -19.38 -24.66 27.95
C SER B 63 -20.59 -24.43 27.06
N ASP B 64 -20.37 -24.37 25.75
CA ASP B 64 -21.54 -24.29 24.87
C ASP B 64 -22.46 -25.48 25.08
N THR B 65 -21.99 -26.67 24.68
CA THR B 65 -22.90 -27.82 24.63
C THR B 65 -23.43 -28.16 26.02
N PHE B 66 -22.73 -27.75 27.08
CA PHE B 66 -23.33 -27.86 28.39
C PHE B 66 -24.47 -26.89 28.55
N MET B 67 -24.32 -25.64 28.12
CA MET B 67 -25.42 -24.73 28.36
C MET B 67 -26.65 -25.19 27.61
N LEU B 68 -26.47 -25.73 26.41
CA LEU B 68 -27.62 -26.25 25.68
C LEU B 68 -28.19 -27.49 26.34
N SER B 69 -27.30 -28.37 26.84
CA SER B 69 -27.75 -29.52 27.60
C SER B 69 -28.62 -29.08 28.78
N LEU B 70 -27.98 -28.50 29.78
CA LEU B 70 -28.61 -28.16 31.05
C LEU B 70 -29.58 -27.00 30.95
N LEU B 71 -29.76 -26.38 29.79
CA LEU B 71 -30.86 -25.42 29.67
C LEU B 71 -32.20 -26.15 29.66
N LYS B 72 -32.33 -27.17 28.81
CA LYS B 72 -33.61 -27.80 28.57
C LYS B 72 -34.22 -28.58 29.74
N PRO B 73 -33.46 -29.31 30.57
CA PRO B 73 -34.13 -30.26 31.48
C PRO B 73 -35.20 -29.63 32.33
N LEU B 74 -35.17 -28.31 32.51
CA LEU B 74 -36.38 -27.60 32.91
C LEU B 74 -37.52 -27.95 31.98
N LEU B 75 -37.30 -27.79 30.67
CA LEU B 75 -38.30 -28.14 29.68
C LEU B 75 -38.63 -29.63 29.75
N ASP B 76 -37.66 -30.46 30.14
CA ASP B 76 -37.99 -31.85 30.44
C ASP B 76 -39.06 -31.92 31.50
N ASP B 77 -38.91 -31.12 32.56
CA ASP B 77 -39.69 -31.29 33.79
C ASP B 77 -40.47 -30.04 34.15
N GLY B 78 -39.82 -28.90 34.34
CA GLY B 78 -40.38 -27.73 35.00
C GLY B 78 -41.71 -27.26 34.45
N PHE B 79 -42.11 -27.79 33.29
CA PHE B 79 -43.43 -27.54 32.74
C PHE B 79 -44.36 -28.73 32.97
N GLY B 80 -44.00 -29.90 32.43
CA GLY B 80 -44.76 -31.11 32.69
C GLY B 80 -44.70 -31.55 34.14
N LYS B 81 -43.47 -31.63 34.70
CA LYS B 81 -43.33 -31.98 36.10
C LYS B 81 -43.74 -30.83 37.01
N THR B 82 -43.40 -29.60 36.62
CA THR B 82 -43.85 -28.38 37.28
C THR B 82 -43.48 -28.38 38.76
N ASP B 83 -42.17 -28.27 39.00
CA ASP B 83 -41.63 -28.12 40.34
C ASP B 83 -40.66 -26.95 40.35
N ARG B 84 -40.77 -26.08 41.34
CA ARG B 84 -40.03 -24.84 41.29
C ARG B 84 -38.67 -24.91 41.97
N SER B 85 -38.38 -26.01 42.66
CA SER B 85 -37.05 -26.23 43.23
C SER B 85 -35.97 -26.13 42.16
N VAL B 86 -35.91 -27.11 41.26
CA VAL B 86 -34.96 -27.06 40.15
C VAL B 86 -35.19 -25.83 39.30
N LEU B 87 -36.42 -25.32 39.28
CA LEU B 87 -36.73 -24.11 38.54
C LEU B 87 -35.88 -22.94 39.00
N VAL B 88 -35.62 -22.83 40.31
CA VAL B 88 -34.66 -21.81 40.74
C VAL B 88 -33.24 -22.36 40.77
N TRP B 89 -33.08 -23.67 40.72
CA TRP B 89 -31.74 -24.25 40.59
C TRP B 89 -31.04 -23.74 39.35
N MET B 90 -31.66 -23.95 38.20
CA MET B 90 -30.96 -23.85 36.92
C MET B 90 -30.44 -22.44 36.56
N PRO B 91 -31.14 -21.35 36.87
CA PRO B 91 -30.58 -20.03 36.50
C PRO B 91 -29.17 -19.81 36.96
N LEU B 92 -28.88 -20.17 38.21
CA LEU B 92 -27.54 -19.93 38.72
C LEU B 92 -26.52 -20.82 38.04
N VAL B 93 -26.91 -22.06 37.71
CA VAL B 93 -25.93 -22.93 37.09
C VAL B 93 -25.59 -22.42 35.70
N VAL B 94 -26.59 -21.91 34.96
CA VAL B 94 -26.23 -21.43 33.63
C VAL B 94 -25.36 -20.18 33.73
N ILE B 95 -25.68 -19.26 34.65
CA ILE B 95 -24.85 -18.06 34.73
C ILE B 95 -23.43 -18.41 35.13
N GLY B 96 -23.28 -19.39 36.02
CA GLY B 96 -21.94 -19.85 36.33
C GLY B 96 -21.28 -20.47 35.13
N LEU B 97 -22.04 -21.21 34.33
CA LEU B 97 -21.46 -21.87 33.19
C LEU B 97 -20.93 -20.83 32.22
N MET B 98 -21.64 -19.71 32.08
CA MET B 98 -21.15 -18.62 31.25
C MET B 98 -19.99 -17.92 31.93
N ILE B 99 -19.85 -18.08 33.25
CA ILE B 99 -18.60 -17.65 33.86
C ILE B 99 -17.46 -18.45 33.26
N LEU B 100 -17.60 -19.78 33.25
CA LEU B 100 -16.55 -20.60 32.64
C LEU B 100 -16.33 -20.26 31.18
N ARG B 101 -17.40 -19.90 30.46
CA ARG B 101 -17.24 -19.68 29.03
C ARG B 101 -16.62 -18.32 28.75
N GLY B 102 -17.05 -17.29 29.47
CA GLY B 102 -16.42 -15.99 29.32
C GLY B 102 -14.95 -16.03 29.67
N ILE B 103 -14.62 -16.64 30.82
CA ILE B 103 -13.22 -16.69 31.21
C ILE B 103 -12.42 -17.53 30.21
N THR B 104 -12.94 -18.69 29.83
CA THR B 104 -12.17 -19.57 28.95
C THR B 104 -11.98 -18.92 27.59
N SER B 105 -12.96 -18.15 27.12
CA SER B 105 -12.79 -17.41 25.88
C SER B 105 -11.70 -16.37 26.01
N TYR B 106 -11.78 -15.57 27.07
CA TYR B 106 -10.78 -14.52 27.31
C TYR B 106 -9.37 -15.08 27.41
N VAL B 107 -9.09 -15.82 28.46
CA VAL B 107 -7.71 -16.25 28.67
C VAL B 107 -7.29 -17.20 27.56
N SER B 108 -8.24 -17.92 26.96
CA SER B 108 -7.90 -18.73 25.81
C SER B 108 -7.28 -17.83 24.75
N SER B 109 -8.10 -16.97 24.14
CA SER B 109 -7.60 -16.14 23.05
C SER B 109 -6.34 -15.42 23.46
N TYR B 110 -6.27 -15.03 24.74
CA TYR B 110 -5.12 -14.28 25.22
C TYR B 110 -3.84 -15.09 25.20
N CYS B 111 -3.90 -16.35 25.61
CA CYS B 111 -2.68 -17.16 25.61
C CYS B 111 -2.34 -17.58 24.18
N ILE B 112 -3.36 -17.62 23.32
CA ILE B 112 -3.08 -17.75 21.89
C ILE B 112 -2.28 -16.56 21.37
N SER B 113 -2.64 -15.36 21.79
CA SER B 113 -1.88 -14.21 21.32
C SER B 113 -0.56 -14.06 22.05
N TRP B 114 -0.43 -14.71 23.19
CA TRP B 114 0.86 -14.77 23.84
C TRP B 114 1.83 -15.61 23.02
N VAL B 115 1.46 -16.87 22.78
CA VAL B 115 2.33 -17.79 22.06
C VAL B 115 2.54 -17.29 20.65
N SER B 116 1.47 -16.94 19.94
CA SER B 116 1.64 -16.33 18.63
C SER B 116 2.47 -15.08 18.77
N GLY B 117 2.42 -14.45 19.95
CA GLY B 117 3.17 -13.24 20.17
C GLY B 117 4.65 -13.44 20.07
N LYS B 118 5.23 -14.32 20.88
CA LYS B 118 6.66 -14.40 20.75
C LYS B 118 7.12 -15.37 19.68
N VAL B 119 6.21 -16.22 19.15
CA VAL B 119 6.43 -16.81 17.83
C VAL B 119 6.79 -15.72 16.83
N VAL B 120 5.87 -14.79 16.61
CA VAL B 120 6.11 -13.81 15.57
C VAL B 120 7.28 -12.93 15.95
N MET B 121 7.59 -12.79 17.24
CA MET B 121 8.82 -12.09 17.55
C MET B 121 10.04 -12.82 17.00
N THR B 122 10.22 -14.08 17.39
CA THR B 122 11.34 -14.86 16.88
C THR B 122 11.39 -14.77 15.35
N MET B 123 10.25 -15.00 14.71
CA MET B 123 10.23 -14.98 13.26
C MET B 123 10.62 -13.62 12.71
N ARG B 124 9.91 -12.57 13.09
CA ARG B 124 10.16 -11.23 12.56
C ARG B 124 11.63 -10.88 12.66
N ARG B 125 12.24 -11.07 13.83
CA ARG B 125 13.58 -10.55 13.95
C ARG B 125 14.64 -11.46 13.33
N ARG B 126 14.48 -12.78 13.40
CA ARG B 126 15.47 -13.61 12.71
C ARG B 126 15.40 -13.34 11.21
N LEU B 127 14.18 -13.26 10.68
CA LEU B 127 13.95 -12.80 9.32
C LEU B 127 14.81 -11.58 9.09
N PHE B 128 14.70 -10.63 10.01
CA PHE B 128 15.22 -9.28 9.80
C PHE B 128 16.74 -9.28 9.70
N GLY B 129 17.40 -9.85 10.70
CA GLY B 129 18.84 -9.99 10.62
C GLY B 129 19.28 -10.75 9.39
N HIS B 130 18.42 -11.64 8.89
CA HIS B 130 18.83 -12.38 7.70
C HIS B 130 18.69 -11.52 6.44
N MET B 131 17.65 -10.69 6.37
CA MET B 131 17.40 -9.88 5.18
C MET B 131 18.29 -8.65 5.11
N MET B 132 18.97 -8.29 6.19
CA MET B 132 20.18 -7.50 6.05
C MET B 132 21.44 -8.36 6.07
N GLY B 133 21.29 -9.67 6.18
CA GLY B 133 22.35 -10.51 5.72
C GLY B 133 22.37 -10.66 4.23
N MET B 134 21.70 -9.84 3.55
CA MET B 134 21.67 -9.96 2.10
C MET B 134 22.83 -9.21 1.46
N PRO B 135 23.28 -9.72 0.33
CA PRO B 135 23.97 -8.88 -0.65
C PRO B 135 23.04 -7.77 -1.10
N VAL B 136 23.61 -6.76 -1.75
CA VAL B 136 22.90 -5.49 -1.84
C VAL B 136 21.67 -5.59 -2.72
N SER B 137 21.74 -6.27 -3.86
CA SER B 137 20.59 -6.30 -4.75
C SER B 137 19.39 -6.99 -4.11
N PHE B 138 19.64 -8.05 -3.35
CA PHE B 138 18.54 -8.75 -2.70
C PHE B 138 17.81 -7.85 -1.74
N PHE B 139 18.41 -6.71 -1.41
CA PHE B 139 17.67 -5.54 -0.96
C PHE B 139 17.11 -4.74 -2.12
N ASP B 140 17.90 -4.55 -3.18
CA ASP B 140 17.67 -3.45 -4.11
C ASP B 140 16.41 -3.66 -4.96
N LYS B 141 16.16 -4.89 -5.40
CA LYS B 141 14.91 -5.17 -6.09
C LYS B 141 13.73 -4.68 -5.27
N GLN B 142 13.77 -4.93 -3.98
CA GLN B 142 12.78 -4.49 -3.04
C GLN B 142 12.94 -3.01 -2.69
N SER B 143 11.89 -2.46 -2.11
CA SER B 143 11.86 -1.15 -1.51
C SER B 143 11.66 -1.31 -0.01
N THR B 144 12.02 -0.27 0.75
CA THR B 144 11.72 -0.28 2.18
C THR B 144 10.26 -0.62 2.43
N GLY B 145 9.36 -0.03 1.65
CA GLY B 145 7.94 -0.26 1.88
C GLY B 145 7.53 -1.69 1.61
N THR B 146 7.76 -2.17 0.39
CA THR B 146 7.31 -3.50 0.04
C THR B 146 7.95 -4.55 0.94
N LEU B 147 9.22 -4.38 1.26
CA LEU B 147 9.87 -5.42 2.03
C LEU B 147 9.39 -5.36 3.48
N LEU B 148 9.08 -4.17 3.96
CA LEU B 148 8.49 -4.10 5.28
C LEU B 148 7.08 -4.70 5.26
N SER B 149 6.37 -4.57 4.14
CA SER B 149 5.16 -5.35 3.97
C SER B 149 5.46 -6.82 4.17
N ARG B 150 6.62 -7.26 3.65
CA ARG B 150 7.01 -8.66 3.83
C ARG B 150 7.09 -8.98 5.32
N ILE B 151 7.78 -8.16 6.10
CA ILE B 151 7.97 -8.52 7.50
C ILE B 151 6.67 -8.40 8.28
N THR B 152 6.09 -7.20 8.34
CA THR B 152 4.92 -7.00 9.17
C THR B 152 3.75 -7.87 8.72
N TYR B 153 3.39 -7.80 7.45
CA TYR B 153 2.17 -8.49 7.07
C TYR B 153 2.40 -9.94 6.71
N ASP B 154 3.65 -10.34 6.45
CA ASP B 154 3.87 -11.75 6.19
C ASP B 154 3.99 -12.54 7.50
N SER B 155 4.69 -12.00 8.50
CA SER B 155 4.69 -12.71 9.79
C SER B 155 3.36 -12.52 10.50
N GLU B 156 2.80 -11.31 10.46
CA GLU B 156 1.43 -11.09 10.92
C GLU B 156 0.46 -11.99 10.17
N GLN B 157 0.81 -12.34 8.94
CA GLN B 157 0.00 -13.28 8.17
C GLN B 157 0.10 -14.67 8.72
N VAL B 158 1.26 -15.32 8.61
CA VAL B 158 1.41 -16.71 9.06
C VAL B 158 0.86 -16.82 10.48
N ALA B 159 1.02 -15.76 11.25
CA ALA B 159 0.36 -15.68 12.53
C ALA B 159 -1.13 -15.88 12.36
N SER B 160 -1.81 -14.86 11.83
CA SER B 160 -3.26 -14.85 11.87
C SER B 160 -3.85 -16.09 11.19
N SER B 161 -3.16 -16.59 10.16
CA SER B 161 -3.49 -17.83 9.49
C SER B 161 -3.45 -19.00 10.46
N SER B 162 -2.26 -19.32 10.95
CA SER B 162 -2.13 -20.43 11.88
C SER B 162 -3.14 -20.32 13.00
N SER B 163 -3.03 -19.26 13.81
CA SER B 163 -3.84 -19.15 15.00
C SER B 163 -5.32 -19.25 14.68
N GLY B 164 -5.80 -18.41 13.77
CA GLY B 164 -7.21 -18.45 13.42
C GLY B 164 -7.67 -19.83 13.01
N ALA B 165 -6.95 -20.43 12.07
CA ALA B 165 -7.35 -21.73 11.54
C ALA B 165 -7.32 -22.79 12.64
N LEU B 166 -6.18 -22.91 13.34
CA LEU B 166 -6.06 -23.88 14.41
C LEU B 166 -7.22 -23.77 15.38
N ILE B 167 -7.55 -22.55 15.82
CA ILE B 167 -8.57 -22.47 16.86
C ILE B 167 -9.93 -22.84 16.29
N THR B 168 -10.19 -22.54 15.02
CA THR B 168 -11.45 -22.98 14.44
C THR B 168 -11.52 -24.50 14.37
N VAL B 169 -10.40 -25.14 14.01
CA VAL B 169 -10.45 -26.57 13.74
C VAL B 169 -10.52 -27.35 15.04
N VAL B 170 -9.71 -27.00 16.03
CA VAL B 170 -9.75 -27.74 17.27
C VAL B 170 -10.96 -27.35 18.09
N ARG B 171 -11.28 -26.07 18.11
CA ARG B 171 -12.44 -25.62 18.85
C ARG B 171 -13.74 -26.20 18.30
N GLU B 172 -13.97 -26.06 16.99
CA GLU B 172 -15.22 -26.52 16.42
C GLU B 172 -15.25 -28.04 16.34
N GLY B 173 -14.07 -28.65 16.23
CA GLY B 173 -14.00 -30.09 16.41
C GLY B 173 -14.57 -30.46 17.76
N ALA B 174 -14.24 -29.64 18.76
CA ALA B 174 -14.71 -29.92 20.11
C ALA B 174 -16.21 -29.76 20.23
N SER B 175 -16.76 -28.68 19.67
CA SER B 175 -18.20 -28.50 19.73
C SER B 175 -18.92 -29.63 19.02
N ILE B 176 -18.45 -30.02 17.83
CA ILE B 176 -19.21 -30.99 17.07
C ILE B 176 -19.13 -32.37 17.71
N ILE B 177 -17.99 -32.73 18.31
CA ILE B 177 -17.98 -34.03 18.97
C ILE B 177 -18.76 -34.01 20.27
N GLY B 178 -18.50 -33.03 21.14
CA GLY B 178 -19.16 -33.03 22.43
C GLY B 178 -20.66 -32.89 22.29
N LEU B 179 -21.08 -31.94 21.48
CA LEU B 179 -22.46 -31.86 21.03
C LEU B 179 -22.95 -33.21 20.52
N PHE B 180 -22.24 -33.75 19.53
CA PHE B 180 -22.60 -34.99 18.85
C PHE B 180 -22.94 -36.11 19.85
N ILE B 181 -21.92 -36.58 20.54
CA ILE B 181 -22.10 -37.63 21.54
C ILE B 181 -23.24 -37.21 22.45
N MET B 182 -23.32 -35.91 22.70
CA MET B 182 -24.38 -35.36 23.54
C MET B 182 -25.71 -35.75 22.93
N MET B 183 -25.80 -35.63 21.61
CA MET B 183 -27.02 -36.00 20.90
C MET B 183 -27.31 -37.46 21.23
N PHE B 184 -26.25 -38.24 21.39
CA PHE B 184 -26.38 -39.66 21.73
C PHE B 184 -26.98 -39.85 23.11
N TYR B 185 -26.77 -38.90 24.01
CA TYR B 185 -27.20 -39.05 25.39
C TYR B 185 -28.71 -39.12 25.52
N TYR B 186 -29.46 -38.88 24.44
CA TYR B 186 -30.91 -38.82 24.53
C TYR B 186 -31.65 -39.76 23.60
N SER B 187 -31.53 -39.60 22.30
CA SER B 187 -32.15 -40.52 21.35
C SER B 187 -31.09 -40.99 20.38
N TRP B 188 -30.74 -42.27 20.46
CA TRP B 188 -29.61 -42.79 19.71
C TRP B 188 -29.96 -42.97 18.23
N GLN B 189 -31.11 -43.55 17.93
CA GLN B 189 -31.46 -43.69 16.52
C GLN B 189 -31.79 -42.33 15.91
N LEU B 190 -32.58 -41.52 16.61
CA LEU B 190 -32.75 -40.13 16.20
C LEU B 190 -31.41 -39.42 16.07
N SER B 191 -30.46 -39.77 16.93
CA SER B 191 -29.10 -39.24 16.81
C SER B 191 -28.52 -39.56 15.44
N ILE B 192 -28.29 -40.84 15.15
CA ILE B 192 -27.55 -41.20 13.95
C ILE B 192 -28.28 -40.75 12.70
N ILE B 193 -29.62 -40.87 12.70
CA ILE B 193 -30.38 -40.40 11.55
C ILE B 193 -30.32 -38.89 11.45
N LEU B 194 -29.93 -38.20 12.53
CA LEU B 194 -29.58 -36.79 12.41
C LEU B 194 -28.18 -36.60 11.86
N ILE B 195 -27.20 -37.33 12.40
CA ILE B 195 -25.82 -37.17 11.97
C ILE B 195 -25.64 -37.58 10.53
N VAL B 196 -26.71 -38.09 9.91
CA VAL B 196 -26.80 -38.05 8.46
C VAL B 196 -26.69 -36.61 7.94
N LEU B 197 -26.74 -35.62 8.83
CA LEU B 197 -26.50 -34.21 8.51
C LEU B 197 -25.26 -33.97 7.66
N ALA B 198 -24.10 -34.25 8.22
CA ALA B 198 -22.82 -33.67 7.80
C ALA B 198 -22.49 -33.80 6.32
N PRO B 199 -22.45 -35.01 5.76
CA PRO B 199 -21.79 -35.19 4.45
C PRO B 199 -22.27 -34.27 3.33
N ILE B 200 -23.60 -34.15 3.20
CA ILE B 200 -24.17 -33.37 2.10
C ILE B 200 -23.79 -31.90 2.25
N VAL B 201 -24.02 -31.35 3.45
CA VAL B 201 -23.54 -30.02 3.77
C VAL B 201 -22.09 -29.87 3.35
N SER B 202 -21.26 -30.83 3.74
CA SER B 202 -19.83 -30.77 3.49
C SER B 202 -19.53 -30.55 2.01
N ILE B 203 -19.79 -31.56 1.19
CA ILE B 203 -19.28 -31.43 -0.17
C ILE B 203 -19.98 -30.29 -0.89
N ALA B 204 -21.21 -29.96 -0.48
CA ALA B 204 -21.92 -28.86 -1.12
C ALA B 204 -21.24 -27.52 -0.83
N ILE B 205 -21.03 -27.21 0.46
CA ILE B 205 -20.41 -25.94 0.78
C ILE B 205 -19.05 -25.85 0.13
N ARG B 206 -18.33 -26.96 0.03
CA ARG B 206 -17.00 -26.85 -0.54
C ARG B 206 -17.04 -26.57 -2.04
N VAL B 207 -17.88 -27.30 -2.79
CA VAL B 207 -17.94 -27.02 -4.24
C VAL B 207 -18.35 -25.57 -4.48
N VAL B 208 -19.32 -25.07 -3.70
CA VAL B 208 -19.62 -23.66 -3.77
C VAL B 208 -18.35 -22.84 -3.60
N SER B 209 -17.56 -23.18 -2.58
CA SER B 209 -16.33 -22.44 -2.30
C SER B 209 -15.39 -22.43 -3.50
N LYS B 210 -15.36 -23.50 -4.29
CA LYS B 210 -14.43 -23.49 -5.42
C LYS B 210 -14.98 -22.74 -6.62
N ARG B 211 -16.30 -22.72 -6.81
CA ARG B 211 -16.87 -21.68 -7.66
C ARG B 211 -16.29 -20.32 -7.27
N PHE B 212 -16.33 -20.04 -5.95
CA PHE B 212 -15.79 -18.79 -5.43
C PHE B 212 -14.30 -18.65 -5.71
N ARG B 213 -13.53 -19.75 -5.71
CA ARG B 213 -12.10 -19.58 -5.95
C ARG B 213 -11.85 -19.13 -7.38
N ASN B 214 -12.51 -19.78 -8.35
CA ASN B 214 -12.22 -19.40 -9.73
C ASN B 214 -12.66 -17.97 -10.01
N ILE B 215 -13.84 -17.57 -9.52
CA ILE B 215 -14.25 -16.19 -9.74
C ILE B 215 -13.32 -15.21 -9.03
N SER B 216 -12.86 -15.56 -7.82
CA SER B 216 -11.89 -14.71 -7.13
C SER B 216 -10.67 -14.49 -7.99
N LYS B 217 -10.16 -15.55 -8.61
CA LYS B 217 -9.12 -15.41 -9.61
C LYS B 217 -9.48 -14.35 -10.65
N ASN B 218 -10.56 -14.60 -11.40
CA ASN B 218 -10.84 -13.77 -12.56
C ASN B 218 -10.95 -12.30 -12.17
N MET B 219 -11.85 -11.98 -11.23
CA MET B 219 -11.97 -10.59 -10.84
C MET B 219 -10.65 -10.05 -10.31
N GLN B 220 -9.82 -10.92 -9.75
CA GLN B 220 -8.57 -10.44 -9.18
C GLN B 220 -7.63 -9.97 -10.28
N ASN B 221 -7.38 -10.84 -11.25
CA ASN B 221 -6.51 -10.53 -12.37
C ASN B 221 -7.01 -9.32 -13.14
N THR B 222 -8.19 -9.44 -13.76
CA THR B 222 -8.73 -8.33 -14.52
C THR B 222 -8.86 -7.08 -13.66
N MET B 223 -9.07 -7.28 -12.35
CA MET B 223 -9.12 -6.15 -11.41
C MET B 223 -7.77 -5.45 -11.36
N GLY B 224 -6.69 -6.20 -11.33
CA GLY B 224 -5.38 -5.59 -11.38
C GLY B 224 -5.14 -4.84 -12.67
N GLN B 225 -5.61 -5.40 -13.78
CA GLN B 225 -5.41 -4.73 -15.06
C GLN B 225 -6.15 -3.39 -15.11
N VAL B 226 -7.41 -3.36 -14.65
CA VAL B 226 -8.15 -2.09 -14.64
C VAL B 226 -7.57 -1.13 -13.62
N THR B 227 -7.25 -1.62 -12.43
CA THR B 227 -6.63 -0.79 -11.41
C THR B 227 -5.43 -0.06 -11.97
N THR B 228 -4.54 -0.81 -12.63
CA THR B 228 -3.37 -0.16 -13.22
C THR B 228 -3.79 0.78 -14.34
N SER B 229 -4.87 0.46 -15.06
CA SER B 229 -5.32 1.38 -16.08
C SER B 229 -5.60 2.77 -15.50
N ALA B 230 -6.45 2.82 -14.49
CA ALA B 230 -6.70 4.09 -13.82
C ALA B 230 -5.43 4.67 -13.24
N GLU B 231 -4.58 3.82 -12.67
CA GLU B 231 -3.30 4.24 -12.13
C GLU B 231 -2.55 5.10 -13.14
N GLN B 232 -2.43 4.60 -14.36
CA GLN B 232 -1.58 5.28 -15.34
C GLN B 232 -2.26 6.48 -15.96
N MET B 233 -3.56 6.40 -16.24
CA MET B 233 -4.22 7.65 -16.60
C MET B 233 -3.97 8.73 -15.59
N LEU B 234 -4.16 8.44 -14.31
CA LEU B 234 -3.78 9.35 -13.25
C LEU B 234 -2.31 9.69 -13.26
N LYS B 235 -1.47 8.85 -13.88
CA LYS B 235 -0.06 9.19 -14.03
C LYS B 235 0.20 10.08 -15.22
N GLY B 236 -0.79 10.28 -16.08
CA GLY B 236 -0.55 11.00 -17.32
C GLY B 236 -1.15 12.38 -17.45
N HIS B 237 -1.60 12.96 -16.35
CA HIS B 237 -2.42 14.16 -16.42
C HIS B 237 -1.74 15.28 -17.17
N LYS B 238 -0.42 15.41 -17.01
CA LYS B 238 0.32 16.50 -17.65
C LYS B 238 0.11 16.49 -19.16
N GLU B 239 0.65 15.46 -19.80
CA GLU B 239 0.44 15.23 -21.22
C GLU B 239 -1.03 15.26 -21.59
N VAL B 240 -1.89 14.69 -20.76
CA VAL B 240 -3.34 14.80 -20.99
C VAL B 240 -3.73 16.24 -21.23
N LEU B 241 -3.27 17.13 -20.35
CA LEU B 241 -3.53 18.55 -20.51
C LEU B 241 -3.00 19.05 -21.85
N ILE B 242 -1.68 18.98 -22.05
CA ILE B 242 -1.10 19.68 -23.19
C ILE B 242 -1.68 19.18 -24.51
N PHE B 243 -2.05 17.91 -24.59
CA PHE B 243 -2.69 17.41 -25.81
C PHE B 243 -4.18 17.68 -25.85
N GLY B 244 -4.78 18.12 -24.76
CA GLY B 244 -6.21 18.42 -24.80
C GLY B 244 -7.10 17.21 -25.00
N GLY B 245 -7.01 16.24 -24.10
CA GLY B 245 -7.81 15.04 -24.19
C GLY B 245 -8.64 14.80 -22.94
N GLN B 246 -9.24 15.86 -22.42
CA GLN B 246 -10.07 15.76 -21.23
C GLN B 246 -11.24 14.84 -21.46
N GLU B 247 -11.78 14.89 -22.67
CA GLU B 247 -12.95 14.07 -23.03
C GLU B 247 -12.59 12.58 -22.99
N VAL B 248 -11.63 12.19 -23.81
CA VAL B 248 -11.20 10.79 -23.88
C VAL B 248 -10.79 10.30 -22.51
N GLU B 249 -9.94 11.06 -21.82
CA GLU B 249 -9.53 10.65 -20.48
C GLU B 249 -10.74 10.46 -19.58
N THR B 250 -11.72 11.34 -19.69
CA THR B 250 -12.99 11.02 -19.08
C THR B 250 -13.52 9.75 -19.74
N LYS B 251 -13.96 9.88 -20.99
CA LYS B 251 -14.89 8.91 -21.55
C LYS B 251 -14.24 7.56 -21.80
N ARG B 252 -13.02 7.56 -22.32
CA ARG B 252 -12.29 6.32 -22.49
C ARG B 252 -12.19 5.55 -21.19
N PHE B 253 -11.97 6.25 -20.08
CA PHE B 253 -11.97 5.56 -18.80
C PHE B 253 -13.37 5.37 -18.24
N ASP B 254 -14.32 6.17 -18.71
CA ASP B 254 -15.65 6.16 -18.11
C ASP B 254 -16.25 4.76 -18.15
N LYS B 255 -16.29 4.16 -19.33
CA LYS B 255 -16.76 2.77 -19.41
C LYS B 255 -15.94 1.90 -18.48
N VAL B 256 -14.61 2.08 -18.50
CA VAL B 256 -13.73 1.37 -17.58
C VAL B 256 -14.27 1.46 -16.18
N SER B 257 -14.66 2.67 -15.77
CA SER B 257 -15.32 2.90 -14.50
C SER B 257 -16.43 1.88 -14.31
N ASN B 258 -17.49 1.98 -15.11
CA ASN B 258 -18.55 0.99 -14.97
C ASN B 258 -18.02 -0.40 -15.25
N ARG B 259 -17.02 -0.53 -16.13
CA ARG B 259 -16.42 -1.83 -16.34
C ARG B 259 -16.01 -2.46 -15.02
N MET B 260 -15.28 -1.72 -14.19
CA MET B 260 -14.97 -2.24 -12.87
C MET B 260 -16.25 -2.57 -12.13
N ARG B 261 -17.17 -1.61 -12.06
CA ARG B 261 -18.46 -1.87 -11.45
C ARG B 261 -19.06 -3.16 -11.97
N LEU B 262 -18.92 -3.41 -13.28
CA LEU B 262 -19.46 -4.63 -13.86
C LEU B 262 -18.99 -5.83 -13.07
N GLN B 263 -17.68 -5.99 -12.97
CA GLN B 263 -17.17 -7.17 -12.31
C GLN B 263 -17.50 -7.12 -10.83
N GLY B 264 -17.72 -5.92 -10.31
CA GLY B 264 -18.22 -5.76 -8.97
C GLY B 264 -19.49 -6.56 -8.80
N MET B 265 -20.50 -6.29 -9.63
CA MET B 265 -21.75 -7.03 -9.46
C MET B 265 -21.55 -8.52 -9.69
N LYS B 266 -20.45 -8.91 -10.33
CA LYS B 266 -20.13 -10.31 -10.42
C LYS B 266 -19.79 -10.87 -9.06
N MET B 267 -18.79 -10.28 -8.40
CA MET B 267 -18.23 -10.92 -7.21
C MET B 267 -19.25 -11.09 -6.12
N VAL B 268 -20.03 -10.05 -5.84
CA VAL B 268 -21.01 -10.15 -4.76
C VAL B 268 -22.01 -11.25 -5.06
N SER B 269 -22.42 -11.40 -6.31
CA SER B 269 -23.52 -12.29 -6.65
C SER B 269 -23.21 -13.68 -6.14
N ALA B 270 -22.24 -14.33 -6.80
CA ALA B 270 -21.85 -15.68 -6.39
C ALA B 270 -21.37 -15.72 -4.95
N SER B 271 -20.97 -14.58 -4.39
CA SER B 271 -20.74 -14.51 -2.96
C SER B 271 -22.03 -14.86 -2.22
N SER B 272 -23.01 -13.96 -2.30
CA SER B 272 -24.17 -14.05 -1.44
C SER B 272 -25.02 -15.28 -1.69
N ILE B 273 -24.86 -15.90 -2.84
CA ILE B 273 -25.64 -17.10 -3.18
C ILE B 273 -25.36 -18.25 -2.21
N SER B 274 -24.15 -18.28 -1.68
CA SER B 274 -23.75 -19.33 -0.74
C SER B 274 -24.84 -19.57 0.30
N ASP B 275 -25.02 -18.61 1.19
CA ASP B 275 -26.02 -18.71 2.24
C ASP B 275 -27.35 -19.20 1.67
N PRO B 276 -27.83 -18.55 0.63
CA PRO B 276 -29.09 -18.92 -0.01
C PRO B 276 -29.19 -20.42 -0.24
N ILE B 277 -28.28 -20.95 -1.05
CA ILE B 277 -28.27 -22.38 -1.36
C ILE B 277 -27.37 -23.14 -0.38
N ILE B 278 -27.16 -22.58 0.80
CA ILE B 278 -26.32 -23.20 1.82
C ILE B 278 -27.16 -23.70 2.99
N GLN B 279 -28.34 -23.13 3.15
CA GLN B 279 -29.24 -23.52 4.22
C GLN B 279 -30.23 -24.59 3.77
N LEU B 280 -30.78 -24.41 2.57
CA LEU B 280 -31.73 -25.36 2.02
C LEU B 280 -31.34 -26.76 2.42
N ILE B 281 -30.20 -27.22 1.88
CA ILE B 281 -29.78 -28.59 2.14
C ILE B 281 -29.77 -28.85 3.63
N ALA B 282 -29.14 -27.97 4.39
CA ALA B 282 -29.08 -28.18 5.83
C ALA B 282 -30.47 -28.15 6.41
N SER B 283 -31.26 -27.17 6.01
CA SER B 283 -32.65 -27.14 6.44
C SER B 283 -33.37 -28.43 6.06
N LEU B 284 -33.15 -28.94 4.85
CA LEU B 284 -33.77 -30.21 4.52
C LEU B 284 -33.47 -31.25 5.58
N ALA B 285 -32.21 -31.31 6.02
CA ALA B 285 -31.87 -32.22 7.11
C ALA B 285 -32.77 -31.97 8.31
N LEU B 286 -32.81 -30.73 8.78
CA LEU B 286 -33.71 -30.40 9.87
C LEU B 286 -35.16 -30.58 9.45
N ALA B 287 -35.45 -30.45 8.15
CA ALA B 287 -36.72 -30.93 7.65
C ALA B 287 -36.82 -32.44 7.81
N PHE B 288 -35.89 -33.17 7.18
CA PHE B 288 -35.93 -34.63 7.14
C PHE B 288 -36.25 -35.20 8.51
N VAL B 289 -35.38 -34.92 9.47
CA VAL B 289 -35.45 -35.55 10.78
C VAL B 289 -36.89 -35.60 11.27
N LEU B 290 -37.62 -34.52 11.09
CA LEU B 290 -38.92 -34.44 11.72
C LEU B 290 -39.84 -35.56 11.22
N TYR B 291 -39.98 -35.71 9.90
CA TYR B 291 -40.75 -36.85 9.42
C TYR B 291 -40.16 -38.14 9.94
N ALA B 292 -38.84 -38.27 9.86
CA ALA B 292 -38.20 -39.47 10.39
C ALA B 292 -38.37 -39.53 11.90
N ALA B 293 -38.29 -38.39 12.58
CA ALA B 293 -38.60 -38.40 14.01
C ALA B 293 -40.07 -38.55 14.27
N SER B 294 -40.89 -38.43 13.23
CA SER B 294 -42.28 -38.86 13.31
C SER B 294 -42.40 -40.38 13.37
N PHE B 295 -41.47 -41.10 12.74
CA PHE B 295 -41.67 -42.55 12.60
C PHE B 295 -41.60 -43.30 13.93
N PRO B 296 -40.59 -43.13 14.79
CA PRO B 296 -40.71 -43.70 16.14
C PRO B 296 -41.73 -42.97 16.98
N SER B 297 -42.14 -41.77 16.58
CA SER B 297 -43.19 -41.05 17.27
C SER B 297 -44.56 -41.21 16.62
N VAL B 298 -44.67 -41.99 15.54
CA VAL B 298 -45.99 -42.54 15.23
C VAL B 298 -46.25 -43.73 16.14
N MET B 299 -45.18 -44.43 16.52
CA MET B 299 -45.20 -45.47 17.52
C MET B 299 -44.85 -44.96 18.91
N ASP B 300 -44.86 -43.63 19.10
CA ASP B 300 -44.59 -42.98 20.38
C ASP B 300 -43.16 -43.14 20.86
N SER B 301 -42.25 -42.39 20.25
CA SER B 301 -40.83 -42.43 20.63
C SER B 301 -40.55 -41.68 21.94
N LEU B 302 -40.66 -40.36 21.90
CA LEU B 302 -39.75 -39.51 22.65
C LEU B 302 -40.46 -38.49 23.53
N THR B 303 -39.71 -38.01 24.52
CA THR B 303 -40.08 -36.87 25.35
C THR B 303 -39.97 -35.58 24.53
N ALA B 304 -40.14 -34.46 25.21
CA ALA B 304 -40.06 -33.15 24.58
C ALA B 304 -38.63 -32.62 24.60
N GLY B 305 -38.03 -32.60 25.79
CA GLY B 305 -36.67 -32.11 25.95
C GLY B 305 -35.74 -32.61 24.87
N THR B 306 -35.85 -33.89 24.54
CA THR B 306 -35.01 -34.49 23.51
C THR B 306 -35.29 -33.88 22.14
N ILE B 307 -36.57 -33.75 21.81
CA ILE B 307 -36.98 -33.17 20.53
C ILE B 307 -36.54 -31.72 20.42
N THR B 308 -36.30 -31.09 21.57
CA THR B 308 -35.89 -29.69 21.60
C THR B 308 -34.37 -29.56 21.49
N VAL B 309 -33.66 -30.53 22.08
CA VAL B 309 -32.20 -30.52 22.04
C VAL B 309 -31.68 -30.77 20.64
N VAL B 310 -32.54 -31.28 19.76
CA VAL B 310 -32.16 -31.57 18.39
C VAL B 310 -32.25 -30.31 17.54
N PHE B 311 -33.07 -29.33 17.95
CA PHE B 311 -33.02 -28.03 17.27
C PHE B 311 -31.69 -27.35 17.57
N SER B 312 -31.28 -27.43 18.84
CA SER B 312 -29.96 -26.95 19.21
C SER B 312 -28.89 -27.70 18.43
N SER B 313 -29.19 -28.91 17.98
CA SER B 313 -28.27 -29.60 17.10
C SER B 313 -28.34 -29.02 15.69
N MET B 314 -29.53 -28.56 15.26
CA MET B 314 -29.57 -27.84 13.99
C MET B 314 -28.61 -26.67 14.01
N ILE B 315 -28.93 -25.64 14.78
CA ILE B 315 -28.15 -24.41 14.67
C ILE B 315 -26.77 -24.62 15.27
N ALA B 316 -26.73 -25.11 16.51
CA ALA B 316 -25.46 -25.29 17.21
C ALA B 316 -24.56 -26.28 16.49
N LEU B 317 -25.14 -27.25 15.78
CA LEU B 317 -24.31 -28.20 15.05
C LEU B 317 -23.90 -27.63 13.69
N MET B 318 -24.74 -26.77 13.13
CA MET B 318 -24.45 -26.20 11.83
C MET B 318 -23.31 -25.21 11.89
N ARG B 319 -23.26 -24.44 12.96
CA ARG B 319 -22.23 -23.42 13.16
C ARG B 319 -20.81 -23.98 12.94
N PRO B 320 -20.41 -25.01 13.70
CA PRO B 320 -19.03 -25.51 13.56
C PRO B 320 -18.79 -26.22 12.24
N LEU B 321 -19.85 -26.54 11.51
CA LEU B 321 -19.68 -27.10 10.17
C LEU B 321 -19.33 -26.01 9.17
N LYS B 322 -20.22 -25.05 9.00
CA LYS B 322 -19.95 -23.96 8.07
C LYS B 322 -18.55 -23.47 8.38
N SER B 323 -18.28 -23.26 9.66
CA SER B 323 -16.96 -22.79 10.09
C SER B 323 -15.86 -23.70 9.55
N LEU B 324 -16.04 -25.00 9.71
CA LEU B 324 -15.05 -25.97 9.24
C LEU B 324 -14.56 -25.63 7.84
N THR B 325 -15.51 -25.41 6.93
CA THR B 325 -15.19 -25.08 5.54
C THR B 325 -14.07 -24.04 5.47
N ASN B 326 -14.39 -22.80 5.81
CA ASN B 326 -13.43 -21.71 5.79
C ASN B 326 -12.15 -22.05 6.55
N VAL B 327 -12.32 -22.57 7.75
CA VAL B 327 -11.17 -22.95 8.60
C VAL B 327 -10.14 -23.73 7.80
N ASN B 328 -10.58 -24.83 7.19
CA ASN B 328 -9.69 -25.68 6.40
C ASN B 328 -9.23 -24.99 5.12
N ALA B 329 -10.19 -24.42 4.38
CA ALA B 329 -9.88 -23.75 3.13
C ALA B 329 -8.83 -22.66 3.33
N GLN B 330 -8.60 -22.28 4.58
CA GLN B 330 -7.62 -21.26 4.90
C GLN B 330 -6.32 -21.88 5.42
N PHE B 331 -6.45 -22.86 6.30
CA PHE B 331 -5.29 -23.54 6.88
C PHE B 331 -4.28 -23.89 5.80
N GLN B 332 -4.49 -23.35 4.59
CA GLN B 332 -3.60 -23.62 3.48
C GLN B 332 -2.94 -22.30 3.13
N ARG B 333 -3.69 -21.21 3.32
CA ARG B 333 -3.18 -19.87 3.05
C ARG B 333 -1.96 -19.67 3.95
N GLY B 334 -2.11 -20.05 5.22
CA GLY B 334 -1.02 -19.94 6.16
C GLY B 334 0.14 -20.70 5.57
N MET B 335 -0.20 -21.78 4.86
CA MET B 335 0.81 -22.61 4.20
C MET B 335 1.53 -21.83 3.12
N ALA B 336 0.76 -21.20 2.24
CA ALA B 336 1.31 -20.43 1.12
C ALA B 336 2.24 -19.34 1.61
N ALA B 337 1.69 -18.34 2.30
CA ALA B 337 2.51 -17.21 2.71
C ALA B 337 3.73 -17.67 3.49
N CYS B 338 3.56 -18.70 4.33
CA CYS B 338 4.68 -19.19 5.11
C CYS B 338 5.81 -19.67 4.23
N GLN B 339 5.53 -20.60 3.31
CA GLN B 339 6.61 -21.14 2.51
C GLN B 339 7.26 -20.07 1.63
N THR B 340 6.49 -19.06 1.20
CA THR B 340 7.11 -17.91 0.55
C THR B 340 8.13 -17.27 1.49
N LEU B 341 7.68 -16.93 2.69
CA LEU B 341 8.54 -16.32 3.68
C LEU B 341 9.80 -17.13 3.90
N PHE B 342 9.69 -18.47 3.86
CA PHE B 342 10.88 -19.32 3.87
C PHE B 342 11.76 -19.05 2.66
N THR B 343 11.17 -18.93 1.48
CA THR B 343 11.96 -18.61 0.29
C THR B 343 12.85 -17.41 0.55
N ILE B 344 12.29 -16.36 1.14
CA ILE B 344 13.11 -15.19 1.46
C ILE B 344 14.01 -15.45 2.66
N LEU B 345 13.71 -16.46 3.47
CA LEU B 345 14.53 -16.74 4.64
C LEU B 345 15.83 -17.43 4.30
N ASP B 346 15.84 -18.32 3.32
CA ASP B 346 16.97 -19.20 3.12
C ASP B 346 18.07 -18.58 2.27
N SER B 347 17.93 -17.30 1.92
CA SER B 347 18.81 -16.65 0.97
C SER B 347 20.24 -16.56 1.51
N GLU B 348 21.17 -16.28 0.61
CA GLU B 348 22.59 -16.34 0.93
C GLU B 348 23.08 -15.09 1.65
N GLN B 349 23.81 -15.28 2.73
CA GLN B 349 24.57 -14.21 3.37
C GLN B 349 26.05 -14.44 3.08
N GLU B 350 26.73 -13.38 2.62
CA GLU B 350 28.08 -13.56 2.09
C GLU B 350 29.03 -13.98 3.19
N LYS B 351 30.12 -14.65 2.81
CA LYS B 351 30.91 -15.46 3.72
C LYS B 351 32.36 -14.98 3.79
N ASP B 352 33.15 -15.71 4.58
CA ASP B 352 34.55 -15.37 4.83
C ASP B 352 35.32 -16.60 5.26
N GLU B 353 36.65 -16.52 5.17
CA GLU B 353 37.57 -17.50 5.74
C GLU B 353 38.02 -17.12 7.13
N GLY B 354 37.67 -15.91 7.56
CA GLY B 354 38.27 -15.15 8.62
C GLY B 354 39.34 -14.35 7.93
N LYS B 355 39.33 -13.04 8.11
CA LYS B 355 40.05 -12.20 7.16
C LYS B 355 40.77 -11.08 7.87
N ARG B 356 39.96 -10.29 8.56
CA ARG B 356 40.20 -8.90 8.85
C ARG B 356 39.46 -8.59 10.16
N VAL B 357 39.99 -7.73 11.04
CA VAL B 357 41.01 -6.71 10.80
C VAL B 357 42.39 -7.29 10.47
N ILE B 358 43.11 -6.52 9.66
CA ILE B 358 44.36 -6.90 9.03
C ILE B 358 45.33 -5.80 9.42
N GLU B 359 46.50 -5.75 8.80
CA GLU B 359 47.30 -4.54 8.89
C GLU B 359 46.45 -3.35 8.48
N ARG B 360 46.33 -2.39 9.40
CA ARG B 360 45.45 -1.24 9.25
C ARG B 360 46.31 -0.05 8.86
N ALA B 361 45.84 0.73 7.90
CA ALA B 361 46.51 1.96 7.51
C ALA B 361 45.55 2.75 6.63
N THR B 362 45.97 3.96 6.26
CA THR B 362 45.25 4.64 5.20
C THR B 362 45.44 3.94 3.86
N GLY B 363 46.59 3.30 3.67
CA GLY B 363 46.75 2.28 2.66
C GLY B 363 46.73 2.80 1.24
N ASP B 364 47.12 1.91 0.33
CA ASP B 364 47.07 2.19 -1.10
C ASP B 364 46.04 1.27 -1.73
N VAL B 365 44.89 1.80 -2.12
CA VAL B 365 43.81 0.98 -2.63
C VAL B 365 43.90 0.91 -4.15
N GLU B 366 44.28 -0.24 -4.66
CA GLU B 366 44.63 -0.35 -6.07
C GLU B 366 43.63 -1.26 -6.78
N PHE B 367 43.00 -0.72 -7.83
CA PHE B 367 42.36 -1.58 -8.82
C PHE B 367 43.43 -2.32 -9.56
N ARG B 368 43.38 -3.64 -9.57
CA ARG B 368 44.33 -4.44 -10.32
C ARG B 368 43.57 -5.17 -11.41
N ASN B 369 43.62 -4.64 -12.63
CA ASN B 369 43.00 -5.28 -13.79
C ASN B 369 41.61 -5.81 -13.45
N VAL B 370 40.86 -5.09 -12.61
CA VAL B 370 39.67 -5.67 -12.03
C VAL B 370 38.53 -5.59 -13.03
N THR B 371 37.64 -6.58 -12.96
CA THR B 371 36.41 -6.60 -13.72
C THR B 371 35.29 -7.16 -12.85
N PHE B 372 34.18 -6.41 -12.75
CA PHE B 372 33.01 -6.84 -12.00
C PHE B 372 31.75 -6.38 -12.69
N THR B 373 30.75 -7.26 -12.71
CA THR B 373 29.49 -7.04 -13.41
C THR B 373 28.35 -7.35 -12.45
N TYR B 374 27.21 -6.63 -12.59
CA TYR B 374 26.19 -6.72 -11.54
C TYR B 374 25.71 -8.18 -11.38
N PRO B 375 24.93 -8.75 -12.30
CA PRO B 375 25.16 -10.15 -12.69
C PRO B 375 26.23 -10.25 -13.78
N GLY B 376 26.78 -11.46 -13.91
CA GLY B 376 27.72 -11.70 -15.00
C GLY B 376 27.02 -11.79 -16.34
N ARG B 377 25.93 -12.56 -16.41
CA ARG B 377 25.31 -12.86 -17.69
C ARG B 377 24.37 -11.77 -18.18
N ASP B 378 23.62 -11.11 -17.29
CA ASP B 378 22.60 -10.16 -17.74
C ASP B 378 23.19 -8.80 -18.08
N VAL B 379 23.53 -8.02 -17.07
CA VAL B 379 24.11 -6.70 -17.27
C VAL B 379 25.60 -6.80 -16.94
N PRO B 380 26.47 -6.82 -17.94
CA PRO B 380 27.91 -6.75 -17.68
C PRO B 380 28.31 -5.31 -17.41
N ALA B 381 29.28 -5.13 -16.52
CA ALA B 381 29.71 -3.78 -16.19
C ALA B 381 31.19 -3.54 -16.48
N LEU B 382 32.09 -3.99 -15.62
CA LEU B 382 33.48 -3.55 -15.65
C LEU B 382 34.27 -4.28 -16.74
N ARG B 383 35.40 -3.67 -17.09
CA ARG B 383 36.47 -4.32 -17.83
C ARG B 383 37.79 -3.94 -17.18
N ASN B 384 38.53 -4.93 -16.67
CA ASN B 384 39.98 -4.82 -16.50
C ASN B 384 40.40 -3.43 -16.03
N ILE B 385 40.06 -3.04 -14.82
CA ILE B 385 40.48 -1.76 -14.27
C ILE B 385 41.73 -1.99 -13.46
N ASN B 386 42.87 -1.46 -13.91
CA ASN B 386 44.09 -1.51 -13.11
C ASN B 386 44.45 -0.07 -12.72
N LEU B 387 44.22 0.27 -11.46
CA LEU B 387 44.31 1.66 -11.04
C LEU B 387 44.95 1.75 -9.66
N LYS B 388 45.96 2.61 -9.54
CA LYS B 388 46.84 2.69 -8.38
C LYS B 388 46.52 3.93 -7.56
N ILE B 389 46.20 3.74 -6.29
CA ILE B 389 45.92 4.85 -5.38
C ILE B 389 46.96 4.77 -4.28
N PRO B 390 47.48 5.89 -3.80
CA PRO B 390 48.45 5.85 -2.69
C PRO B 390 47.82 6.04 -1.33
N ALA B 391 48.68 6.13 -0.31
CA ALA B 391 48.28 6.34 1.07
C ALA B 391 48.52 7.79 1.46
N GLY B 392 47.43 8.54 1.63
CA GLY B 392 47.48 9.91 2.08
C GLY B 392 47.28 10.95 0.99
N LYS B 393 47.52 10.59 -0.26
CA LYS B 393 47.38 11.53 -1.36
C LYS B 393 45.92 11.68 -1.76
N THR B 394 45.55 12.88 -2.18
CA THR B 394 44.22 13.13 -2.69
C THR B 394 44.05 12.53 -4.09
N VAL B 395 42.83 12.08 -4.39
CA VAL B 395 42.51 11.45 -5.67
C VAL B 395 41.13 11.92 -6.11
N ALA B 396 40.97 12.12 -7.42
CA ALA B 396 39.67 12.46 -8.00
C ALA B 396 39.31 11.42 -9.06
N LEU B 397 38.17 11.63 -9.72
CA LEU B 397 37.72 10.71 -10.76
C LEU B 397 37.04 11.47 -11.89
N VAL B 398 37.00 10.84 -13.06
CA VAL B 398 36.22 11.32 -14.19
C VAL B 398 35.46 10.11 -14.73
N GLY B 399 34.38 10.37 -15.46
CA GLY B 399 33.53 9.27 -15.91
C GLY B 399 32.26 9.80 -16.54
N ARG B 400 31.20 9.01 -16.46
CA ARG B 400 29.89 9.42 -16.94
C ARG B 400 28.82 8.61 -16.24
N SER B 401 27.59 9.10 -16.34
CA SER B 401 26.44 8.34 -15.85
C SER B 401 26.19 7.15 -16.77
N GLY B 402 25.88 6.00 -16.18
CA GLY B 402 25.90 4.76 -16.89
C GLY B 402 27.25 4.06 -16.87
N SER B 403 28.26 4.69 -16.27
CA SER B 403 29.53 4.03 -15.97
C SER B 403 29.59 3.52 -14.53
N GLY B 404 28.50 3.68 -13.78
CA GLY B 404 28.44 3.17 -12.42
C GLY B 404 29.36 3.91 -11.47
N LYS B 405 29.27 5.24 -11.48
CA LYS B 405 30.09 6.04 -10.59
C LYS B 405 29.86 5.71 -9.12
N SER B 406 28.64 5.28 -8.76
CA SER B 406 28.37 4.73 -7.44
C SER B 406 28.61 3.23 -7.37
N THR B 407 28.76 2.57 -8.51
CA THR B 407 29.20 1.17 -8.49
C THR B 407 30.64 1.08 -8.02
N ILE B 408 31.49 2.05 -8.39
CA ILE B 408 32.89 2.01 -8.02
C ILE B 408 33.04 1.96 -6.50
N ALA B 409 32.08 2.57 -5.79
CA ALA B 409 31.87 2.23 -4.39
C ALA B 409 31.82 0.73 -4.22
N SER B 410 30.87 0.07 -4.89
CA SER B 410 30.75 -1.37 -4.79
C SER B 410 32.02 -2.07 -5.22
N LEU B 411 32.97 -1.35 -5.84
CA LEU B 411 34.33 -1.86 -5.91
C LEU B 411 35.04 -1.74 -4.57
N ILE B 412 35.36 -0.51 -4.15
CA ILE B 412 36.19 -0.39 -2.96
C ILE B 412 35.35 -0.55 -1.68
N THR B 413 34.22 0.15 -1.57
CA THR B 413 33.37 -0.16 -0.42
C THR B 413 32.71 -1.52 -0.56
N ARG B 414 32.81 -2.12 -1.74
CA ARG B 414 32.60 -3.55 -1.91
C ARG B 414 31.18 -3.93 -1.53
N PHE B 415 30.20 -3.16 -2.06
CA PHE B 415 28.82 -3.63 -2.01
C PHE B 415 28.75 -5.03 -2.59
N TYR B 416 29.60 -5.30 -3.57
CA TYR B 416 29.88 -6.63 -4.07
C TYR B 416 31.38 -6.77 -4.22
N ASP B 417 31.82 -7.98 -4.48
CA ASP B 417 33.23 -8.24 -4.76
C ASP B 417 33.51 -7.98 -6.24
N ILE B 418 34.70 -8.37 -6.68
CA ILE B 418 34.99 -8.40 -8.10
C ILE B 418 34.18 -9.50 -8.76
N ASP B 419 34.05 -9.41 -10.08
CA ASP B 419 34.06 -10.64 -10.85
C ASP B 419 35.49 -11.10 -11.11
N GLU B 420 36.42 -10.14 -11.24
CA GLU B 420 37.78 -10.42 -11.70
C GLU B 420 38.75 -9.45 -11.07
N GLY B 421 39.95 -9.94 -10.76
CA GLY B 421 41.09 -9.11 -10.43
C GLY B 421 41.13 -8.69 -8.98
N GLU B 422 42.31 -8.57 -8.39
CA GLU B 422 42.41 -8.30 -6.97
C GLU B 422 42.55 -6.81 -6.72
N ILE B 423 41.49 -6.18 -6.23
CA ILE B 423 41.68 -4.88 -5.59
C ILE B 423 42.61 -5.14 -4.42
N LEU B 424 43.73 -4.45 -4.38
CA LEU B 424 44.71 -4.80 -3.37
C LEU B 424 45.34 -3.55 -2.79
N MET B 425 45.53 -3.59 -1.48
CA MET B 425 46.57 -2.84 -0.80
C MET B 425 47.57 -3.85 -0.26
N ASP B 426 48.84 -3.70 -0.63
CA ASP B 426 49.90 -4.65 -0.27
C ASP B 426 49.64 -6.04 -0.83
N GLY B 427 48.87 -6.14 -1.91
CA GLY B 427 48.52 -7.46 -2.43
C GLY B 427 47.70 -8.24 -1.44
N HIS B 428 46.67 -7.60 -0.91
CA HIS B 428 45.82 -8.19 0.13
C HIS B 428 44.66 -8.87 -0.57
N ASP B 429 44.64 -10.21 -0.51
CA ASP B 429 43.68 -11.00 -1.28
C ASP B 429 42.26 -10.56 -1.01
N LEU B 430 41.44 -10.59 -2.06
CA LEU B 430 40.09 -10.07 -1.95
C LEU B 430 39.27 -10.81 -0.91
N ARG B 431 39.49 -12.11 -0.77
CA ARG B 431 38.84 -12.90 0.25
C ARG B 431 39.68 -13.11 1.52
N GLU B 432 40.84 -12.46 1.65
CA GLU B 432 41.43 -12.30 2.96
C GLU B 432 41.13 -10.93 3.57
N TYR B 433 40.32 -10.11 2.89
CA TYR B 433 39.76 -8.91 3.50
C TYR B 433 38.24 -8.98 3.46
N THR B 434 37.63 -9.03 4.63
CA THR B 434 36.19 -8.90 4.79
C THR B 434 35.80 -7.44 4.62
N LEU B 435 34.52 -7.21 4.34
CA LEU B 435 34.03 -5.86 4.49
C LEU B 435 34.27 -5.31 5.88
N ALA B 436 34.52 -6.15 6.89
CA ALA B 436 34.54 -5.72 8.29
C ALA B 436 35.45 -4.52 8.56
N SER B 437 36.76 -4.74 8.53
CA SER B 437 37.69 -3.63 8.60
C SER B 437 38.11 -3.16 7.22
N LEU B 438 37.44 -3.63 6.17
CA LEU B 438 37.42 -2.85 4.95
C LEU B 438 36.71 -1.54 5.29
N ARG B 439 35.41 -1.65 5.50
CA ARG B 439 34.59 -0.51 5.88
C ARG B 439 35.08 0.11 7.18
N ASN B 440 35.80 -0.64 8.01
CA ASN B 440 36.46 0.06 9.11
C ASN B 440 37.85 0.54 8.72
N GLN B 441 38.42 0.02 7.63
CA GLN B 441 39.66 0.49 7.03
C GLN B 441 39.42 1.33 5.78
N VAL B 442 38.17 1.60 5.43
CA VAL B 442 37.80 2.55 4.39
C VAL B 442 36.43 3.12 4.75
N ALA B 443 36.19 4.39 4.41
CA ALA B 443 34.94 5.02 4.82
C ALA B 443 34.43 5.98 3.77
N LEU B 444 33.26 6.55 4.05
CA LEU B 444 32.43 7.21 3.06
C LEU B 444 31.88 8.51 3.64
N VAL B 445 31.48 9.43 2.77
CA VAL B 445 30.75 10.63 3.16
C VAL B 445 29.35 10.54 2.58
N SER B 446 28.35 10.40 3.45
CA SER B 446 27.04 9.96 3.01
C SER B 446 26.47 10.84 1.91
N GLN B 447 26.14 10.21 0.78
CA GLN B 447 25.41 10.89 -0.27
C GLN B 447 24.06 11.37 0.24
N ASN B 448 23.46 10.58 1.12
CA ASN B 448 22.51 11.06 2.12
C ASN B 448 22.63 10.12 3.32
N VAL B 449 22.55 10.67 4.52
CA VAL B 449 22.92 9.93 5.72
C VAL B 449 21.71 9.20 6.29
N HIS B 450 21.87 7.91 6.53
CA HIS B 450 20.87 7.18 7.29
C HIS B 450 21.05 7.49 8.76
N LEU B 451 19.99 7.98 9.39
CA LEU B 451 20.04 8.39 10.79
C LEU B 451 19.17 7.46 11.63
N PHE B 452 19.50 7.43 12.92
CA PHE B 452 18.79 6.63 13.89
C PHE B 452 18.15 7.58 14.90
N ASN B 453 16.96 7.22 15.37
CA ASN B 453 16.20 8.14 16.22
C ASN B 453 16.55 7.82 17.66
N ASP B 454 17.38 8.69 18.25
CA ASP B 454 18.04 8.50 19.53
C ASP B 454 19.03 9.66 19.65
N THR B 455 19.73 9.81 20.77
CA THR B 455 20.70 10.89 20.81
C THR B 455 21.63 10.70 19.63
N VAL B 456 21.66 11.69 18.73
CA VAL B 456 22.20 11.46 17.40
C VAL B 456 23.70 11.39 17.52
N ALA B 457 24.21 11.57 18.75
CA ALA B 457 25.50 11.04 19.11
C ALA B 457 25.57 9.52 18.99
N ASN B 458 24.42 8.85 18.85
CA ASN B 458 24.45 7.42 18.54
C ASN B 458 24.70 7.17 17.05
N ASN B 459 24.06 7.94 16.17
CA ASN B 459 24.40 7.93 14.76
C ASN B 459 25.85 8.33 14.52
N ILE B 460 26.17 9.59 14.81
CA ILE B 460 27.51 10.10 14.58
C ILE B 460 28.56 9.35 15.39
N ALA B 461 28.18 8.78 16.52
CA ALA B 461 29.15 8.05 17.33
C ALA B 461 29.10 6.55 17.11
N TYR B 462 28.26 6.05 16.20
CA TYR B 462 28.30 4.61 15.99
C TYR B 462 29.41 4.19 15.05
N ALA B 463 29.84 5.08 14.16
CA ALA B 463 30.91 4.77 13.22
C ALA B 463 32.15 4.24 13.94
N ARG B 464 32.05 3.04 14.48
CA ARG B 464 33.16 2.43 15.19
C ARG B 464 33.33 3.03 16.59
N THR B 465 32.22 3.17 17.30
CA THR B 465 32.24 3.73 18.65
C THR B 465 32.86 2.77 19.64
N GLU B 466 33.51 3.32 20.66
CA GLU B 466 34.16 2.50 21.68
C GLU B 466 34.60 3.35 22.88
N GLN B 467 33.62 3.99 23.52
CA GLN B 467 33.90 4.83 24.67
C GLN B 467 34.78 6.02 24.29
N TYR B 468 34.38 6.73 23.24
CA TYR B 468 35.13 7.90 22.77
C TYR B 468 34.66 9.17 23.46
N SER B 469 35.58 10.11 23.62
CA SER B 469 35.27 11.39 24.27
C SER B 469 34.56 12.33 23.31
N ARG B 470 33.69 13.18 23.85
CA ARG B 470 32.95 14.14 23.04
C ARG B 470 33.85 15.20 22.41
N GLU B 471 35.13 15.25 22.77
CA GLU B 471 35.95 16.42 22.48
C GLU B 471 36.23 16.56 20.99
N GLN B 472 36.68 15.50 20.34
CA GLN B 472 37.11 15.62 18.95
C GLN B 472 36.00 15.41 17.94
N ILE B 473 34.89 14.77 18.32
CA ILE B 473 33.73 14.68 17.45
C ILE B 473 32.83 15.90 17.58
N GLU B 474 32.57 16.34 18.81
CA GLU B 474 31.86 17.61 19.01
C GLU B 474 32.74 18.77 18.60
N GLU B 475 34.05 18.62 18.78
CA GLU B 475 34.98 19.56 18.18
C GLU B 475 34.94 19.44 16.66
N ALA B 476 34.75 18.22 16.13
CA ALA B 476 34.51 18.07 14.71
C ALA B 476 33.28 18.83 14.27
N ALA B 477 32.36 19.10 15.20
CA ALA B 477 31.42 20.17 14.96
C ALA B 477 32.12 21.53 15.01
N ARG B 478 32.89 21.78 16.06
CA ARG B 478 33.51 23.09 16.20
C ARG B 478 34.69 23.27 15.24
N MET B 479 35.62 22.30 15.22
CA MET B 479 36.86 22.49 14.46
C MET B 479 36.61 22.52 12.97
N ALA B 480 35.74 21.64 12.48
CA ALA B 480 35.51 21.44 11.07
C ALA B 480 34.43 22.36 10.53
N TYR B 481 33.99 23.32 11.32
CA TYR B 481 32.98 24.33 11.01
C TYR B 481 31.59 23.74 11.17
N ALA B 482 31.46 22.43 11.44
CA ALA B 482 30.16 21.79 11.54
C ALA B 482 29.31 22.37 12.68
N MET B 483 29.94 23.07 13.62
CA MET B 483 29.23 23.59 14.79
C MET B 483 27.97 24.34 14.42
N ASP B 484 27.91 24.90 13.20
CA ASP B 484 26.79 25.75 12.83
C ASP B 484 25.47 25.00 12.79
N PHE B 485 25.47 23.68 12.53
CA PHE B 485 24.18 22.99 12.41
C PHE B 485 23.77 22.20 13.65
N ILE B 486 24.54 22.23 14.73
CA ILE B 486 24.22 21.48 15.94
C ILE B 486 23.86 22.40 17.09
N ASN B 487 24.81 23.21 17.56
CA ASN B 487 24.51 24.11 18.67
C ASN B 487 23.43 25.11 18.30
N LYS B 488 23.28 25.43 17.02
CA LYS B 488 22.22 26.28 16.53
C LYS B 488 20.85 25.62 16.61
N MET B 489 20.80 24.32 16.88
CA MET B 489 19.61 23.50 16.64
C MET B 489 19.13 22.88 17.95
N ASP B 490 18.04 22.12 17.85
CA ASP B 490 17.27 21.68 19.01
C ASP B 490 18.12 20.81 19.92
N ASN B 491 17.72 20.74 21.19
CA ASN B 491 18.45 20.07 22.25
C ASN B 491 19.86 20.61 22.37
N GLY B 492 20.08 21.83 21.88
CA GLY B 492 21.41 22.37 21.84
C GLY B 492 22.38 21.45 21.13
N LEU B 493 23.44 21.11 21.85
CA LEU B 493 24.53 20.29 21.34
C LEU B 493 24.33 18.80 21.59
N ASP B 494 23.29 18.43 22.33
CA ASP B 494 23.04 17.06 22.80
C ASP B 494 22.12 16.28 21.87
N THR B 495 21.87 16.78 20.66
CA THR B 495 20.62 16.60 19.93
C THR B 495 20.13 15.15 19.88
N VAL B 496 18.82 14.99 20.06
CA VAL B 496 18.07 13.78 19.74
C VAL B 496 16.71 14.16 19.19
N ILE B 497 16.31 13.55 18.07
CA ILE B 497 14.94 13.63 17.58
C ILE B 497 14.54 12.26 17.05
N GLY B 498 13.25 12.12 16.75
CA GLY B 498 12.72 10.99 16.03
C GLY B 498 12.58 11.27 14.56
N GLU B 499 11.71 10.51 13.91
CA GLU B 499 11.39 10.63 12.48
C GLU B 499 12.65 10.84 11.62
N ASN B 500 13.47 9.79 11.51
CA ASN B 500 14.59 9.73 10.59
C ASN B 500 15.65 10.79 10.91
N GLY B 501 15.63 11.27 12.15
CA GLY B 501 16.65 12.16 12.66
C GLY B 501 16.87 13.42 11.85
N VAL B 502 15.94 13.72 10.94
CA VAL B 502 16.21 14.63 9.83
C VAL B 502 16.49 16.06 10.25
N LEU B 503 15.85 16.55 11.32
CA LEU B 503 15.57 17.97 11.49
C LEU B 503 16.82 18.84 11.34
N LEU B 504 18.00 18.26 11.44
CA LEU B 504 19.22 19.01 11.20
C LEU B 504 19.26 19.46 9.73
N SER B 505 20.06 20.48 9.45
CA SER B 505 20.14 21.02 8.10
C SER B 505 20.85 20.03 7.19
N GLY B 506 20.32 19.84 5.98
CA GLY B 506 20.69 18.69 5.15
C GLY B 506 22.13 18.59 4.70
N GLY B 507 22.62 19.60 3.99
CA GLY B 507 24.01 19.55 3.53
C GLY B 507 24.99 19.59 4.69
N GLN B 508 24.77 20.52 5.60
CA GLN B 508 25.51 20.51 6.85
C GLN B 508 25.41 19.16 7.53
N ARG B 509 24.26 18.48 7.39
CA ARG B 509 24.17 17.13 7.90
C ARG B 509 25.16 16.21 7.18
N GLN B 510 25.36 16.42 5.87
CA GLN B 510 26.48 15.73 5.25
C GLN B 510 27.81 16.10 5.88
N ARG B 511 27.94 17.34 6.39
CA ARG B 511 29.16 17.62 7.12
C ARG B 511 29.24 16.80 8.40
N ILE B 512 28.09 16.42 8.99
CA ILE B 512 28.18 15.52 10.13
C ILE B 512 28.61 14.15 9.66
N ALA B 513 28.16 13.72 8.47
CA ALA B 513 28.72 12.52 7.87
C ALA B 513 30.25 12.61 7.83
N ILE B 514 30.75 13.76 7.39
CA ILE B 514 32.17 14.01 7.43
C ILE B 514 32.67 13.96 8.87
N ALA B 515 31.79 14.12 9.87
CA ALA B 515 32.25 14.07 11.25
C ALA B 515 32.49 12.63 11.72
N ARG B 516 31.60 11.70 11.37
CA ARG B 516 31.98 10.30 11.50
C ARG B 516 33.31 10.07 10.80
N ALA B 517 33.43 10.60 9.56
CA ALA B 517 34.70 10.53 8.85
C ALA B 517 35.84 11.12 9.66
N LEU B 518 35.55 12.04 10.59
CA LEU B 518 36.59 12.45 11.52
C LEU B 518 36.93 11.32 12.47
N LEU B 519 35.91 10.74 13.12
CA LEU B 519 36.18 9.64 14.05
C LEU B 519 37.01 8.55 13.40
N ARG B 520 36.98 8.49 12.08
CA ARG B 520 37.43 7.29 11.39
C ARG B 520 38.94 7.08 11.38
N ASP B 521 39.75 8.05 11.84
CA ASP B 521 41.17 8.06 11.46
C ASP B 521 41.26 7.81 9.96
N SER B 522 40.68 8.73 9.20
CA SER B 522 39.99 8.27 8.01
C SER B 522 40.96 7.75 6.96
N PRO B 523 41.02 6.45 6.74
CA PRO B 523 42.03 5.89 5.83
C PRO B 523 41.84 6.29 4.38
N ILE B 524 40.62 6.12 3.88
CA ILE B 524 40.27 6.38 2.49
C ILE B 524 38.87 6.96 2.52
N LEU B 525 38.51 7.72 1.49
CA LEU B 525 37.27 8.46 1.53
C LEU B 525 36.56 8.37 0.18
N ILE B 526 35.28 8.00 0.21
CA ILE B 526 34.40 8.03 -0.94
C ILE B 526 33.18 8.88 -0.62
N LEU B 527 32.69 9.59 -1.63
CA LEU B 527 31.77 10.70 -1.45
C LEU B 527 31.38 11.12 -2.85
N ASP B 528 30.31 11.91 -2.96
CA ASP B 528 29.97 12.53 -4.24
C ASP B 528 29.60 13.99 -4.01
N GLU B 529 30.43 14.88 -4.51
CA GLU B 529 30.23 16.33 -4.42
C GLU B 529 30.26 16.90 -5.83
N ALA B 530 29.16 17.48 -6.25
CA ALA B 530 28.98 17.96 -7.60
C ALA B 530 28.83 19.47 -7.60
N THR B 531 28.69 20.02 -8.81
CA THR B 531 28.40 21.43 -9.01
C THR B 531 26.91 21.72 -9.03
N SER B 532 26.07 20.70 -8.94
CA SER B 532 24.63 20.85 -9.01
C SER B 532 24.06 21.76 -7.91
N ALA B 533 24.05 21.32 -6.64
CA ALA B 533 23.26 22.06 -5.66
C ALA B 533 23.84 21.98 -4.25
N LEU B 534 23.76 23.12 -3.54
CA LEU B 534 23.65 23.25 -2.07
C LEU B 534 23.75 24.74 -1.69
N ASP B 535 23.32 25.10 -0.47
CA ASP B 535 23.23 26.52 -0.09
C ASP B 535 24.61 27.12 0.13
N THR B 536 24.69 28.45 0.01
CA THR B 536 25.92 29.10 -0.46
C THR B 536 27.04 29.10 0.56
N GLU B 537 26.91 29.92 1.61
CA GLU B 537 27.99 29.99 2.60
C GLU B 537 28.24 28.63 3.23
N SER B 538 27.16 27.90 3.49
CA SER B 538 27.28 26.49 3.86
C SER B 538 27.89 25.66 2.75
N GLU B 539 27.83 26.09 1.48
CA GLU B 539 28.46 25.32 0.41
C GLU B 539 29.97 25.45 0.45
N ARG B 540 30.47 26.67 0.25
CA ARG B 540 31.92 26.83 0.25
C ARG B 540 32.51 26.51 1.62
N ALA B 541 31.70 26.59 2.67
CA ALA B 541 32.16 26.21 3.99
C ALA B 541 32.09 24.69 4.23
N ILE B 542 31.17 24.00 3.55
CA ILE B 542 31.12 22.54 3.62
C ILE B 542 32.25 21.92 2.81
N GLN B 543 32.49 22.45 1.61
CA GLN B 543 33.53 21.88 0.79
C GLN B 543 34.90 22.37 1.22
N ALA B 544 35.02 23.61 1.72
CA ALA B 544 36.30 24.08 2.24
C ALA B 544 36.59 23.55 3.64
N ALA B 545 35.60 23.58 4.53
CA ALA B 545 35.78 22.96 5.84
C ALA B 545 36.00 21.46 5.69
N LEU B 546 35.27 20.85 4.77
CA LEU B 546 35.63 19.52 4.31
C LEU B 546 37.09 19.45 3.94
N ASP B 547 37.57 20.39 3.12
CA ASP B 547 38.99 20.42 2.77
C ASP B 547 39.84 20.41 4.03
N GLU B 548 39.32 20.98 5.12
CA GLU B 548 40.03 20.90 6.39
C GLU B 548 39.96 19.51 6.98
N LEU B 549 38.87 18.77 6.76
CA LEU B 549 38.74 17.48 7.42
C LEU B 549 39.12 16.30 6.52
N GLN B 550 39.47 16.53 5.26
CA GLN B 550 40.01 15.44 4.46
C GLN B 550 41.53 15.43 4.43
N LYS B 551 42.19 16.30 5.21
CA LYS B 551 43.64 16.50 5.09
C LYS B 551 44.42 15.20 5.13
N ASN B 552 45.43 15.10 4.27
CA ASN B 552 46.43 14.05 4.25
C ASN B 552 45.82 12.67 4.06
N ARG B 553 44.65 12.59 3.44
CA ARG B 553 43.91 11.35 3.42
C ARG B 553 43.14 11.27 2.11
N THR B 554 43.06 10.05 1.58
CA THR B 554 42.67 9.84 0.20
C THR B 554 41.27 10.41 -0.06
N SER B 555 41.04 10.81 -1.30
CA SER B 555 39.77 11.36 -1.73
C SER B 555 39.23 10.55 -2.92
N LEU B 556 37.91 10.42 -2.97
CA LEU B 556 37.28 9.83 -4.14
C LEU B 556 35.88 10.41 -4.28
N VAL B 557 35.48 10.67 -5.52
CA VAL B 557 34.26 11.41 -5.83
C VAL B 557 34.08 11.33 -7.34
N ILE B 558 33.05 11.98 -7.86
CA ILE B 558 33.14 12.50 -9.22
C ILE B 558 33.73 13.89 -9.13
N ALA B 559 34.91 14.08 -9.72
CA ALA B 559 35.58 15.37 -9.73
C ALA B 559 34.78 16.33 -10.60
N HIS B 560 34.37 17.45 -10.02
CA HIS B 560 33.64 18.45 -10.79
C HIS B 560 34.31 19.80 -10.75
N ARG B 561 34.19 20.50 -9.62
CA ARG B 561 34.35 21.94 -9.61
C ARG B 561 35.69 22.37 -10.18
N LEU B 562 35.70 23.55 -10.80
CA LEU B 562 36.92 24.09 -11.38
C LEU B 562 38.00 24.29 -10.32
N SER B 563 37.62 24.21 -9.04
CA SER B 563 38.57 24.24 -7.93
C SER B 563 39.31 22.93 -7.77
N THR B 564 38.60 21.81 -7.88
CA THR B 564 39.10 20.50 -7.50
C THR B 564 39.67 19.70 -8.67
N ILE B 565 39.69 20.25 -9.88
CA ILE B 565 40.21 19.49 -11.00
C ILE B 565 41.70 19.22 -10.81
N GLU B 566 42.47 20.29 -10.53
CA GLU B 566 43.90 20.18 -10.27
C GLU B 566 44.22 19.85 -8.81
N LYS B 567 43.34 20.22 -7.88
CA LYS B 567 43.69 20.10 -6.46
C LYS B 567 43.85 18.65 -6.04
N ALA B 568 42.82 17.83 -6.25
CA ALA B 568 42.94 16.40 -5.99
C ALA B 568 44.05 15.83 -6.86
N ASP B 569 45.01 15.16 -6.23
CA ASP B 569 46.30 14.88 -6.85
C ASP B 569 46.27 13.71 -7.80
N GLU B 570 45.12 13.09 -8.01
CA GLU B 570 45.00 12.00 -8.96
C GLU B 570 43.61 12.02 -9.59
N ILE B 571 43.53 11.58 -10.85
CA ILE B 571 42.29 11.52 -11.62
C ILE B 571 42.32 10.22 -12.41
N VAL B 572 41.17 9.82 -12.94
CA VAL B 572 41.08 8.74 -13.93
C VAL B 572 39.82 8.93 -14.75
N VAL B 573 39.81 8.30 -15.94
CA VAL B 573 38.62 8.07 -16.73
C VAL B 573 38.19 6.64 -16.55
N VAL B 574 36.89 6.39 -16.52
CA VAL B 574 36.37 5.02 -16.63
C VAL B 574 35.37 5.01 -17.76
N GLU B 575 35.50 4.05 -18.67
CA GLU B 575 34.70 4.00 -19.88
C GLU B 575 34.12 2.59 -20.00
N ASP B 576 32.80 2.47 -19.84
CA ASP B 576 32.11 1.19 -19.87
C ASP B 576 32.70 0.21 -18.86
N GLY B 577 33.24 0.73 -17.76
CA GLY B 577 33.89 -0.09 -16.77
C GLY B 577 35.35 -0.42 -17.05
N VAL B 578 36.08 0.47 -17.72
CA VAL B 578 37.53 0.32 -17.88
C VAL B 578 38.14 1.71 -17.92
N ILE B 579 39.38 1.81 -17.45
CA ILE B 579 40.07 3.07 -17.24
C ILE B 579 41.08 3.28 -18.36
N VAL B 580 40.87 4.33 -19.15
CA VAL B 580 41.82 4.64 -20.22
C VAL B 580 43.02 5.44 -19.71
N GLU B 581 42.79 6.51 -18.95
CA GLU B 581 43.85 7.49 -18.68
C GLU B 581 43.69 8.14 -17.31
N ARG B 582 44.83 8.50 -16.71
CA ARG B 582 44.95 8.84 -15.30
C ARG B 582 45.87 10.04 -15.11
N GLY B 583 45.78 10.66 -13.94
CA GLY B 583 46.61 11.79 -13.56
C GLY B 583 45.83 13.09 -13.48
N THR B 584 46.37 14.02 -12.70
CA THR B 584 45.70 15.29 -12.41
C THR B 584 45.59 16.13 -13.68
N HIS B 585 44.67 17.11 -13.66
CA HIS B 585 44.17 17.70 -14.90
C HIS B 585 45.27 18.41 -15.70
N ASN B 586 46.39 18.72 -15.06
CA ASN B 586 47.53 19.18 -15.85
C ASN B 586 48.30 18.01 -16.45
N ASP B 587 48.17 16.81 -15.87
CA ASP B 587 48.75 15.64 -16.49
C ASP B 587 47.95 15.23 -17.72
N LEU B 588 46.65 15.02 -17.55
CA LEU B 588 45.78 14.56 -18.62
C LEU B 588 45.34 15.66 -19.58
N LEU B 589 45.32 16.91 -19.13
CA LEU B 589 45.03 18.02 -20.04
C LEU B 589 45.99 18.01 -21.22
N GLU B 590 47.28 18.00 -20.94
CA GLU B 590 48.30 17.90 -21.98
C GLU B 590 48.38 16.50 -22.58
N HIS B 591 47.66 15.53 -22.01
CA HIS B 591 47.78 14.14 -22.40
C HIS B 591 46.79 13.75 -23.50
N ARG B 592 45.83 14.63 -23.81
CA ARG B 592 45.11 14.66 -25.08
C ARG B 592 44.23 13.43 -25.32
N GLY B 593 43.81 12.73 -24.27
CA GLY B 593 43.00 11.54 -24.44
C GLY B 593 41.52 11.86 -24.46
N VAL B 594 40.72 10.83 -24.12
CA VAL B 594 39.28 11.01 -23.96
C VAL B 594 38.94 11.56 -22.58
N TYR B 595 39.94 11.73 -21.73
CA TYR B 595 39.76 12.43 -20.46
C TYR B 595 39.15 13.82 -20.66
N ALA B 596 39.87 14.70 -21.35
CA ALA B 596 39.35 16.04 -21.60
C ALA B 596 37.97 15.97 -22.25
N GLN B 597 37.80 15.04 -23.18
CA GLN B 597 36.51 14.77 -23.81
C GLN B 597 35.39 14.62 -22.79
N LEU B 598 35.45 13.58 -21.95
CA LEU B 598 34.39 13.40 -20.96
C LEU B 598 34.30 14.62 -20.03
N HIS B 599 35.45 15.17 -19.64
CA HIS B 599 35.49 16.35 -18.77
C HIS B 599 34.59 17.45 -19.29
N LYS B 600 34.68 17.74 -20.57
CA LYS B 600 33.84 18.78 -21.16
C LYS B 600 32.44 18.30 -21.53
N MET B 601 32.26 17.06 -21.98
CA MET B 601 30.96 16.62 -22.49
C MET B 601 29.95 16.30 -21.39
N GLN B 602 30.40 15.93 -20.19
CA GLN B 602 29.51 15.79 -19.05
C GLN B 602 29.59 17.01 -18.15
N PHE B 603 30.65 17.15 -17.39
CA PHE B 603 30.88 18.34 -16.58
C PHE B 603 31.09 19.52 -17.51
C1 PA1 C . -24.82 -16.25 10.45
O1 PA1 C . -25.42 -15.05 9.91
C2 PA1 C . -25.84 -17.04 11.20
N2 PA1 C . -26.80 -17.65 10.27
C3 PA1 C . -26.48 -16.08 12.16
O3 PA1 C . -27.52 -16.73 12.88
C4 PA1 C . -25.43 -15.61 13.16
O4 PA1 C . -26.00 -14.53 13.92
C5 PA1 C . -24.15 -15.12 12.49
O5 PA1 C . -23.77 -15.96 11.38
C6 PA1 C . -23.00 -15.08 13.50
O6 PA1 C . -22.93 -16.24 14.39
C1 PA1 C . -22.87 -15.92 15.83
C2 PA1 C . -22.09 -16.94 16.66
N2 PA1 C . -22.62 -18.30 16.72
C3 PA1 C . -22.07 -16.37 18.05
O3 PA1 C . -21.77 -17.38 19.02
C4 PA1 C . -20.94 -15.40 18.00
O4 PA1 C . -20.64 -14.91 19.30
C5 PA1 C . -21.32 -14.23 17.09
O5 PA1 C . -21.84 -14.82 15.77
C6 PA1 C . -20.07 -13.72 16.40
O6 PA1 C . -19.39 -14.76 15.65
C1 KDO C . -17.24 -13.87 16.24
O1A KDO C . -17.56 -12.80 16.80
O1B KDO C . -16.27 -14.60 16.55
C2 KDO C . -18.13 -14.32 15.08
C3 KDO C . -18.38 -13.11 14.19
C4 KDO C . -18.31 -13.45 12.71
O4 KDO C . -18.72 -12.30 11.97
C5 KDO C . -16.90 -13.92 12.37
O5 KDO C . -15.86 -12.84 12.22
C6 KDO C . -16.42 -15.02 13.39
O6 KDO C . -17.47 -15.40 14.37
C7 KDO C . -15.11 -14.61 14.11
O7 KDO C . -14.35 -13.74 13.26
C8 KDO C . -14.28 -15.86 14.41
C1 GMH C . -16.20 -11.43 12.33
C2 GMH C . -14.95 -10.60 12.00
C3 GMH C . -14.75 -9.36 12.90
C4 GMH C . -16.11 -8.73 13.24
C5 GMH C . -17.11 -9.75 13.79
C6 GMH C . -18.47 -9.59 13.09
C7 GMH C . -19.52 -10.45 13.78
O2 GMH C . -15.03 -10.15 10.66
O3 GMH C . -13.92 -8.36 12.26
O4 GMH C . -15.96 -7.68 14.22
O5 GMH C . -16.65 -11.12 13.65
O6 GMH C . -18.37 -9.94 11.71
O7 GMH C . -20.68 -10.54 12.95
C1 GMH C . -12.81 -8.81 11.44
C2 GMH C . -11.77 -7.69 11.32
C3 GMH C . -11.64 -7.17 9.90
C4 GMH C . -13.02 -6.80 9.45
C5 GMH C . -13.90 -8.07 9.37
C6 GMH C . -14.03 -8.47 7.90
C7 GMH C . -14.96 -7.49 7.16
O2 GMH C . -10.50 -8.16 11.77
O3 GMH C . -11.14 -8.20 9.06
O4 GMH C . -13.57 -5.89 10.41
O5 GMH C . -13.37 -9.20 10.14
O6 GMH C . -14.54 -9.81 7.79
O7 GMH C . -16.08 -7.18 7.98
C1 GMH C . -16.87 -8.36 8.19
C2 GMH C . -17.66 -8.66 6.90
C3 GMH C . -19.04 -9.23 7.24
C4 GMH C . -19.84 -8.31 8.16
C5 GMH C . -18.96 -7.52 9.15
C6 GMH C . -19.68 -7.33 10.48
C7 GMH C . -21.06 -6.72 10.26
O2 GMH C . -16.94 -9.60 6.10
O3 GMH C . -18.88 -10.50 7.85
O4 GMH C . -20.57 -7.40 7.35
O5 GMH C . -17.72 -8.21 9.37
O6 GMH C . -18.90 -6.47 11.31
O7 GMH C . -21.47 -6.04 11.46
C1 KDO C . -20.08 -11.43 10.25
O1A KDO C . -20.84 -11.11 11.20
O1B KDO C . -20.17 -11.02 9.08
C2 KDO C . -18.96 -12.39 10.56
C3 KDO C . -19.44 -13.81 10.12
C4 KDO C . -18.85 -14.15 8.73
O4 KDO C . -19.52 -13.37 7.72
C5 KDO C . -17.31 -13.95 8.61
O5 KDO C . -17.01 -13.40 7.32
C6 KDO C . -16.76 -13.01 9.67
O6 KDO C . -17.74 -11.96 9.88
C7 KDO C . -15.39 -12.43 9.26
O7 KDO C . -15.24 -12.40 7.84
C8 KDO C . -14.29 -13.29 9.88
O8 KDO C . -14.29 -13.12 11.29
P PO4 D . -26.75 -15.10 9.05
O2 PO4 D . -26.63 -14.02 8.07
O3 PO4 D . -26.78 -16.46 8.51
O4 PO4 D . -27.75 -14.85 10.10
P PO4 E . -16.96 -6.43 14.22
O2 PO4 E . -16.13 -5.29 14.60
O3 PO4 E . -17.49 -6.42 12.85
O4 PO4 E . -17.94 -6.85 15.24
P PO4 F . -12.86 -4.51 10.71
O1 PO4 F . -12.63 -3.96 9.37
O3 PO4 F . -13.82 -3.78 11.54
O4 PO4 F . -11.64 -4.92 11.41
P PO4 G . -19.91 -15.81 20.38
O1 PO4 G . -18.92 -14.93 21.00
O3 PO4 G . -21.09 -16.11 21.21
O4 PO4 G . -19.34 -16.94 19.64
C1 FTT H . -22.87 -18.01 19.53
C2 FTT H . -23.00 -18.02 21.06
C3 FTT H . -23.63 -19.34 21.50
C4 FTT H . -22.63 -20.11 22.36
C5 FTT H . -22.42 -21.49 21.77
C6 FTT H . -23.23 -22.53 22.56
O2 FTT H . -23.72 -18.56 18.84
O3 FTT H . -24.80 -19.09 22.27
C1 MYR I . -25.73 -20.04 22.03
O1 MYR I . -26.16 -20.32 20.91
C2 MYR I . -26.27 -20.75 23.26
C3 MYR I . -27.67 -20.23 23.56
C4 MYR I . -27.76 -19.88 25.04
C5 MYR I . -28.31 -21.08 25.82
C1 FTT J . -21.78 -19.27 17.10
C2 FTT J . -22.35 -20.69 17.16
C3 FTT J . -23.65 -20.79 16.38
C4 FTT J . -23.96 -22.24 16.01
C5 FTT J . -23.76 -23.17 17.22
O2 FTT J . -20.60 -19.06 17.39
O3 FTT J . -24.70 -20.23 17.19
O1 DAO K . -24.63 -18.32 15.91
C1 DAO K . -25.23 -19.08 16.67
C2 DAO K . -26.65 -18.77 17.14
C3 DAO K . -27.65 -19.70 16.44
C4 DAO K . -28.70 -20.24 17.40
C5 DAO K . -28.04 -20.73 18.69
C6 DAO K . -28.63 -22.08 19.08
C7 DAO K . -27.54 -23.14 19.01
C1 FTT L . -28.45 -15.82 13.24
C2 FTT L . -29.77 -15.95 12.50
C3 FTT L . -30.26 -17.39 12.58
C4 FTT L . -31.75 -17.44 12.30
C5 FTT L . -32.29 -18.81 12.69
C6 FTT L . -33.56 -18.62 13.50
C7 FTT L . -33.68 -19.77 14.49
C8 FTT L . -33.63 -21.10 13.74
C9 FTT L . -34.01 -22.23 14.70
C10 FTT L . -34.65 -23.36 13.90
C11 FTT L . -36.16 -23.14 13.78
C12 FTT L . -36.86 -24.48 13.63
C13 FTT L . -37.41 -24.93 14.98
C14 FTT L . -38.58 -25.90 14.78
O2 FTT L . -28.26 -14.96 14.09
O3 FTT L . -29.59 -18.18 11.60
C1 FTT M . -27.25 -18.91 10.46
C2 FTT M . -28.24 -19.42 9.41
C3 FTT M . -29.34 -20.34 9.99
C4 FTT M . -29.07 -21.80 9.60
C5 FTT M . -30.21 -22.70 10.09
C6 FTT M . -29.97 -24.13 9.61
C7 FTT M . -31.26 -24.72 9.07
C8 FTT M . -32.19 -25.08 10.21
C9 FTT M . -33.13 -26.23 9.82
O2 FTT M . -26.90 -19.61 11.41
O3 FTT M . -29.41 -20.23 11.42
#